data_3IWL
# 
_entry.id   3IWL 
# 
_audit_conform.dict_name       mmcif_pdbx.dic 
_audit_conform.dict_version    5.387 
_audit_conform.dict_location   http://mmcif.pdb.org/dictionaries/ascii/mmcif_pdbx.dic 
# 
loop_
_database_2.database_id 
_database_2.database_code 
_database_2.pdbx_database_accession 
_database_2.pdbx_DOI 
PDB   3IWL         pdb_00003iwl 10.2210/pdb3iwl/pdb 
RCSB  RCSB054955   ?            ?                   
WWPDB D_1000054955 ?            ?                   
# 
loop_
_pdbx_audit_revision_history.ordinal 
_pdbx_audit_revision_history.data_content_type 
_pdbx_audit_revision_history.major_revision 
_pdbx_audit_revision_history.minor_revision 
_pdbx_audit_revision_history.revision_date 
1 'Structure model' 1 0 2009-09-22 
2 'Structure model' 1 1 2011-07-13 
3 'Structure model' 1 2 2017-11-01 
4 'Structure model' 1 3 2024-02-21 
# 
_pdbx_audit_revision_details.ordinal             1 
_pdbx_audit_revision_details.revision_ordinal    1 
_pdbx_audit_revision_details.data_content_type   'Structure model' 
_pdbx_audit_revision_details.provider            repository 
_pdbx_audit_revision_details.type                'Initial release' 
_pdbx_audit_revision_details.description         ? 
_pdbx_audit_revision_details.details             ? 
# 
loop_
_pdbx_audit_revision_group.ordinal 
_pdbx_audit_revision_group.revision_ordinal 
_pdbx_audit_revision_group.data_content_type 
_pdbx_audit_revision_group.group 
1 2 'Structure model' 'Version format compliance' 
2 3 'Structure model' 'Refinement description'    
3 4 'Structure model' 'Data collection'           
4 4 'Structure model' 'Database references'       
5 4 'Structure model' 'Derived calculations'      
# 
loop_
_pdbx_audit_revision_category.ordinal 
_pdbx_audit_revision_category.revision_ordinal 
_pdbx_audit_revision_category.data_content_type 
_pdbx_audit_revision_category.category 
1 3 'Structure model' software       
2 4 'Structure model' chem_comp_atom 
3 4 'Structure model' chem_comp_bond 
4 4 'Structure model' database_2     
5 4 'Structure model' struct_site    
# 
loop_
_pdbx_audit_revision_item.ordinal 
_pdbx_audit_revision_item.revision_ordinal 
_pdbx_audit_revision_item.data_content_type 
_pdbx_audit_revision_item.item 
1 4 'Structure model' '_database_2.pdbx_DOI'                
2 4 'Structure model' '_database_2.pdbx_database_accession' 
3 4 'Structure model' '_struct_site.pdbx_auth_asym_id'      
4 4 'Structure model' '_struct_site.pdbx_auth_comp_id'      
5 4 'Structure model' '_struct_site.pdbx_auth_seq_id'       
# 
_pdbx_database_status.entry_id                        3IWL 
_pdbx_database_status.status_code                     REL 
_pdbx_database_status.deposit_site                    RCSB 
_pdbx_database_status.process_site                    RCSB 
_pdbx_database_status.recvd_initial_deposition_date   2009-09-02 
_pdbx_database_status.status_code_sf                  REL 
_pdbx_database_status.status_code_mr                  ? 
_pdbx_database_status.SG_entry                        ? 
_pdbx_database_status.pdb_format_compatible           Y 
_pdbx_database_status.status_code_cs                  ? 
_pdbx_database_status.methods_development_category    ? 
_pdbx_database_status.status_code_nmr_data            ? 
# 
_pdbx_database_related.db_name        PDB 
_pdbx_database_related.db_id          3IWX 
_pdbx_database_related.details        . 
_pdbx_database_related.content_type   unspecified 
# 
loop_
_audit_author.name 
_audit_author.pdbx_ordinal 
'Boal, A.K.'       1 
'Rosenzweig, A.C.' 2 
# 
_citation.id                        primary 
_citation.title                     'Crystal structures of cisplatin bound to a human copper chaperone.' 
_citation.journal_abbrev            J.Am.Chem.Soc. 
_citation.journal_volume            131 
_citation.page_first                14196 
_citation.page_last                 14197 
_citation.year                      2009 
_citation.journal_id_ASTM           JACSAT 
_citation.country                   US 
_citation.journal_id_ISSN           0002-7863 
_citation.journal_id_CSD            0004 
_citation.book_publisher            ? 
_citation.pdbx_database_id_PubMed   19807176 
_citation.pdbx_database_id_DOI      10.1021/ja906363t 
# 
loop_
_citation_author.citation_id 
_citation_author.name 
_citation_author.ordinal 
_citation_author.identifier_ORCID 
primary 'Boal, A.K.'       1 ? 
primary 'Rosenzweig, A.C.' 2 ? 
# 
loop_
_entity.id 
_entity.type 
_entity.src_method 
_entity.pdbx_description 
_entity.formula_weight 
_entity.pdbx_number_of_molecules 
_entity.pdbx_ec 
_entity.pdbx_mutation 
_entity.pdbx_fragment 
_entity.details 
1 polymer     man 'Copper transport protein ATOX1'           7412.646 1  ? ? ? ? 
2 non-polymer syn 'PLATINUM (II) ION'                        195.078  1  ? ? ? ? 
3 non-polymer syn 'SULFATE ION'                              96.063   1  ? ? ? ? 
4 non-polymer syn 
;3,3',3''-phosphanetriyltripropanoic acid
;
250.186  1  ? ? ? ? 
5 water       nat water                                      18.015   91 ? ? ? ? 
# 
_entity_name_com.entity_id   1 
_entity_name_com.name        'Metal transport protein ATX1' 
# 
_entity_poly.entity_id                      1 
_entity_poly.type                           'polypeptide(L)' 
_entity_poly.nstd_linkage                   no 
_entity_poly.nstd_monomer                   no 
_entity_poly.pdbx_seq_one_letter_code       MPKHEFSVDMTCGGCAEAVSRVLNKLGGVKYDIDLPNKKVCIESEHSMDTLLATLKKTGKTVSYLGLE 
_entity_poly.pdbx_seq_one_letter_code_can   MPKHEFSVDMTCGGCAEAVSRVLNKLGGVKYDIDLPNKKVCIESEHSMDTLLATLKKTGKTVSYLGLE 
_entity_poly.pdbx_strand_id                 A 
_entity_poly.pdbx_target_identifier         ? 
# 
loop_
_pdbx_entity_nonpoly.entity_id 
_pdbx_entity_nonpoly.name 
_pdbx_entity_nonpoly.comp_id 
2 'PLATINUM (II) ION'                        PT  
3 'SULFATE ION'                              SO4 
4 
;3,3',3''-phosphanetriyltripropanoic acid
;
TCE 
5 water                                      HOH 
# 
loop_
_entity_poly_seq.entity_id 
_entity_poly_seq.num 
_entity_poly_seq.mon_id 
_entity_poly_seq.hetero 
1 1  MET n 
1 2  PRO n 
1 3  LYS n 
1 4  HIS n 
1 5  GLU n 
1 6  PHE n 
1 7  SER n 
1 8  VAL n 
1 9  ASP n 
1 10 MET n 
1 11 THR n 
1 12 CYS n 
1 13 GLY n 
1 14 GLY n 
1 15 CYS n 
1 16 ALA n 
1 17 GLU n 
1 18 ALA n 
1 19 VAL n 
1 20 SER n 
1 21 ARG n 
1 22 VAL n 
1 23 LEU n 
1 24 ASN n 
1 25 LYS n 
1 26 LEU n 
1 27 GLY n 
1 28 GLY n 
1 29 VAL n 
1 30 LYS n 
1 31 TYR n 
1 32 ASP n 
1 33 ILE n 
1 34 ASP n 
1 35 LEU n 
1 36 PRO n 
1 37 ASN n 
1 38 LYS n 
1 39 LYS n 
1 40 VAL n 
1 41 CYS n 
1 42 ILE n 
1 43 GLU n 
1 44 SER n 
1 45 GLU n 
1 46 HIS n 
1 47 SER n 
1 48 MET n 
1 49 ASP n 
1 50 THR n 
1 51 LEU n 
1 52 LEU n 
1 53 ALA n 
1 54 THR n 
1 55 LEU n 
1 56 LYS n 
1 57 LYS n 
1 58 THR n 
1 59 GLY n 
1 60 LYS n 
1 61 THR n 
1 62 VAL n 
1 63 SER n 
1 64 TYR n 
1 65 LEU n 
1 66 GLY n 
1 67 LEU n 
1 68 GLU n 
# 
_entity_src_gen.entity_id                          1 
_entity_src_gen.pdbx_src_id                        1 
_entity_src_gen.pdbx_alt_source_flag               sample 
_entity_src_gen.pdbx_seq_type                      ? 
_entity_src_gen.pdbx_beg_seq_num                   ? 
_entity_src_gen.pdbx_end_seq_num                   ? 
_entity_src_gen.gene_src_common_name               human 
_entity_src_gen.gene_src_genus                     ? 
_entity_src_gen.pdbx_gene_src_gene                 'ATOX1, HAH1' 
_entity_src_gen.gene_src_species                   ? 
_entity_src_gen.gene_src_strain                    ? 
_entity_src_gen.gene_src_tissue                    ? 
_entity_src_gen.gene_src_tissue_fraction           ? 
_entity_src_gen.gene_src_details                   ? 
_entity_src_gen.pdbx_gene_src_fragment             ? 
_entity_src_gen.pdbx_gene_src_scientific_name      'Homo sapiens' 
_entity_src_gen.pdbx_gene_src_ncbi_taxonomy_id     9606 
_entity_src_gen.pdbx_gene_src_variant              ? 
_entity_src_gen.pdbx_gene_src_cell_line            ? 
_entity_src_gen.pdbx_gene_src_atcc                 ? 
_entity_src_gen.pdbx_gene_src_organ                ? 
_entity_src_gen.pdbx_gene_src_organelle            ? 
_entity_src_gen.pdbx_gene_src_cell                 ? 
_entity_src_gen.pdbx_gene_src_cellular_location    ? 
_entity_src_gen.host_org_common_name               ? 
_entity_src_gen.pdbx_host_org_scientific_name      'Escherichia coli' 
_entity_src_gen.pdbx_host_org_ncbi_taxonomy_id     562 
_entity_src_gen.host_org_genus                     ? 
_entity_src_gen.pdbx_host_org_gene                 ? 
_entity_src_gen.pdbx_host_org_organ                ? 
_entity_src_gen.host_org_species                   ? 
_entity_src_gen.pdbx_host_org_tissue               ? 
_entity_src_gen.pdbx_host_org_tissue_fraction      ? 
_entity_src_gen.pdbx_host_org_strain               'BL21(DE3)' 
_entity_src_gen.pdbx_host_org_variant              ? 
_entity_src_gen.pdbx_host_org_cell_line            ? 
_entity_src_gen.pdbx_host_org_atcc                 ? 
_entity_src_gen.pdbx_host_org_culture_collection   ? 
_entity_src_gen.pdbx_host_org_cell                 ? 
_entity_src_gen.pdbx_host_org_organelle            ? 
_entity_src_gen.pdbx_host_org_cellular_location    ? 
_entity_src_gen.pdbx_host_org_vector_type          plasmid 
_entity_src_gen.pdbx_host_org_vector               ? 
_entity_src_gen.host_org_details                   ? 
_entity_src_gen.expression_system_id               ? 
_entity_src_gen.plasmid_name                       pET21b 
_entity_src_gen.plasmid_details                    ? 
_entity_src_gen.pdbx_description                   ? 
# 
loop_
_chem_comp.id 
_chem_comp.type 
_chem_comp.mon_nstd_flag 
_chem_comp.name 
_chem_comp.pdbx_synonyms 
_chem_comp.formula 
_chem_comp.formula_weight 
ALA 'L-peptide linking' y ALANINE                                    ?                                                 
'C3 H7 N O2'     89.093  
ARG 'L-peptide linking' y ARGININE                                   ?                                                 
'C6 H15 N4 O2 1' 175.209 
ASN 'L-peptide linking' y ASPARAGINE                                 ?                                                 
'C4 H8 N2 O3'    132.118 
ASP 'L-peptide linking' y 'ASPARTIC ACID'                            ?                                                 
'C4 H7 N O4'     133.103 
CYS 'L-peptide linking' y CYSTEINE                                   ?                                                 
'C3 H7 N O2 S'   121.158 
GLU 'L-peptide linking' y 'GLUTAMIC ACID'                            ?                                                 
'C5 H9 N O4'     147.129 
GLY 'peptide linking'   y GLYCINE                                    ?                                                 
'C2 H5 N O2'     75.067  
HIS 'L-peptide linking' y HISTIDINE                                  ?                                                 
'C6 H10 N3 O2 1' 156.162 
HOH non-polymer         . WATER                                      ?                                                 'H2 O' 
18.015  
ILE 'L-peptide linking' y ISOLEUCINE                                 ?                                                 
'C6 H13 N O2'    131.173 
LEU 'L-peptide linking' y LEUCINE                                    ?                                                 
'C6 H13 N O2'    131.173 
LYS 'L-peptide linking' y LYSINE                                     ?                                                 
'C6 H15 N2 O2 1' 147.195 
MET 'L-peptide linking' y METHIONINE                                 ?                                                 
'C5 H11 N O2 S'  149.211 
PHE 'L-peptide linking' y PHENYLALANINE                              ?                                                 
'C9 H11 N O2'    165.189 
PRO 'L-peptide linking' y PROLINE                                    ?                                                 
'C5 H9 N O2'     115.130 
PT  non-polymer         . 'PLATINUM (II) ION'                        ?                                                 'Pt 2' 
195.078 
SER 'L-peptide linking' y SERINE                                     ?                                                 
'C3 H7 N O3'     105.093 
SO4 non-polymer         . 'SULFATE ION'                              ?                                                 'O4 S -2' 
96.063  
TCE non-polymer         . 
;3,3',3''-phosphanetriyltripropanoic acid
;
'3-[bis(2-carboxyethyl)phosphanyl]propanoic acid' 'C9 H15 O6 P'    250.186 
THR 'L-peptide linking' y THREONINE                                  ?                                                 
'C4 H9 N O3'     119.119 
TYR 'L-peptide linking' y TYROSINE                                   ?                                                 
'C9 H11 N O3'    181.189 
VAL 'L-peptide linking' y VALINE                                     ?                                                 
'C5 H11 N O2'    117.146 
# 
loop_
_pdbx_poly_seq_scheme.asym_id 
_pdbx_poly_seq_scheme.entity_id 
_pdbx_poly_seq_scheme.seq_id 
_pdbx_poly_seq_scheme.mon_id 
_pdbx_poly_seq_scheme.ndb_seq_num 
_pdbx_poly_seq_scheme.pdb_seq_num 
_pdbx_poly_seq_scheme.auth_seq_num 
_pdbx_poly_seq_scheme.pdb_mon_id 
_pdbx_poly_seq_scheme.auth_mon_id 
_pdbx_poly_seq_scheme.pdb_strand_id 
_pdbx_poly_seq_scheme.pdb_ins_code 
_pdbx_poly_seq_scheme.hetero 
A 1 1  MET 1  1  ?  ?   ?   A . n 
A 1 2  PRO 2  2  2  PRO PRO A . n 
A 1 3  LYS 3  3  3  LYS LYS A . n 
A 1 4  HIS 4  4  4  HIS HIS A . n 
A 1 5  GLU 5  5  5  GLU GLU A . n 
A 1 6  PHE 6  6  6  PHE PHE A . n 
A 1 7  SER 7  7  7  SER SER A . n 
A 1 8  VAL 8  8  8  VAL VAL A . n 
A 1 9  ASP 9  9  9  ASP ASP A . n 
A 1 10 MET 10 10 10 MET MET A . n 
A 1 11 THR 11 11 11 THR THR A . n 
A 1 12 CYS 12 12 12 CYS CYS A . n 
A 1 13 GLY 13 13 13 GLY GLY A . n 
A 1 14 GLY 14 14 14 GLY GLY A . n 
A 1 15 CYS 15 15 15 CYS CYS A . n 
A 1 16 ALA 16 16 16 ALA ALA A . n 
A 1 17 GLU 17 17 17 GLU GLU A . n 
A 1 18 ALA 18 18 18 ALA ALA A . n 
A 1 19 VAL 19 19 19 VAL VAL A . n 
A 1 20 SER 20 20 20 SER SER A . n 
A 1 21 ARG 21 21 21 ARG ARG A . n 
A 1 22 VAL 22 22 22 VAL VAL A . n 
A 1 23 LEU 23 23 23 LEU LEU A . n 
A 1 24 ASN 24 24 24 ASN ASN A . n 
A 1 25 LYS 25 25 25 LYS LYS A . n 
A 1 26 LEU 26 26 26 LEU LEU A . n 
A 1 27 GLY 27 27 27 GLY GLY A . n 
A 1 28 GLY 28 28 28 GLY GLY A . n 
A 1 29 VAL 29 29 29 VAL VAL A . n 
A 1 30 LYS 30 30 30 LYS LYS A . n 
A 1 31 TYR 31 31 31 TYR TYR A . n 
A 1 32 ASP 32 32 32 ASP ASP A . n 
A 1 33 ILE 33 33 33 ILE ILE A . n 
A 1 34 ASP 34 34 34 ASP ASP A . n 
A 1 35 LEU 35 35 35 LEU LEU A . n 
A 1 36 PRO 36 36 36 PRO PRO A . n 
A 1 37 ASN 37 37 37 ASN ASN A . n 
A 1 38 LYS 38 38 38 LYS LYS A . n 
A 1 39 LYS 39 39 39 LYS LYS A . n 
A 1 40 VAL 40 40 40 VAL VAL A . n 
A 1 41 CYS 41 41 41 CYS CYS A . n 
A 1 42 ILE 42 42 42 ILE ILE A . n 
A 1 43 GLU 43 43 43 GLU GLU A . n 
A 1 44 SER 44 44 44 SER SER A . n 
A 1 45 GLU 45 45 45 GLU GLU A . n 
A 1 46 HIS 46 46 46 HIS HIS A . n 
A 1 47 SER 47 47 47 SER SER A . n 
A 1 48 MET 48 48 48 MET MET A . n 
A 1 49 ASP 49 49 49 ASP ASP A . n 
A 1 50 THR 50 50 50 THR THR A . n 
A 1 51 LEU 51 51 51 LEU LEU A . n 
A 1 52 LEU 52 52 52 LEU LEU A . n 
A 1 53 ALA 53 53 53 ALA ALA A . n 
A 1 54 THR 54 54 54 THR THR A . n 
A 1 55 LEU 55 55 55 LEU LEU A . n 
A 1 56 LYS 56 56 56 LYS LYS A . n 
A 1 57 LYS 57 57 57 LYS LYS A . n 
A 1 58 THR 58 58 58 THR THR A . n 
A 1 59 GLY 59 59 59 GLY GLY A . n 
A 1 60 LYS 60 60 60 LYS LYS A . n 
A 1 61 THR 61 61 61 THR THR A . n 
A 1 62 VAL 62 62 62 VAL VAL A . n 
A 1 63 SER 63 63 63 SER SER A . n 
A 1 64 TYR 64 64 64 TYR TYR A . n 
A 1 65 LEU 65 65 65 LEU LEU A . n 
A 1 66 GLY 66 66 66 GLY GLY A . n 
A 1 67 LEU 67 67 67 LEU LEU A . n 
A 1 68 GLU 68 68 ?  ?   ?   A . n 
# 
loop_
_pdbx_nonpoly_scheme.asym_id 
_pdbx_nonpoly_scheme.entity_id 
_pdbx_nonpoly_scheme.mon_id 
_pdbx_nonpoly_scheme.ndb_seq_num 
_pdbx_nonpoly_scheme.pdb_seq_num 
_pdbx_nonpoly_scheme.auth_seq_num 
_pdbx_nonpoly_scheme.pdb_mon_id 
_pdbx_nonpoly_scheme.auth_mon_id 
_pdbx_nonpoly_scheme.pdb_strand_id 
_pdbx_nonpoly_scheme.pdb_ins_code 
B 2 PT  1  69  68 PT  PT  A . 
C 3 SO4 1  70  1  SO4 SO4 A . 
D 4 TCE 1  71  1  TCE TCE A . 
E 5 HOH 1  72  72 HOH HOH A . 
E 5 HOH 2  73  73 HOH HOH A . 
E 5 HOH 3  74  74 HOH HOH A . 
E 5 HOH 4  75  75 HOH HOH A . 
E 5 HOH 5  76  76 HOH HOH A . 
E 5 HOH 6  77  77 HOH HOH A . 
E 5 HOH 7  78  78 HOH HOH A . 
E 5 HOH 8  79  79 HOH HOH A . 
E 5 HOH 9  80  80 HOH HOH A . 
E 5 HOH 10 81  1  HOH HOH A . 
E 5 HOH 11 82  82 HOH HOH A . 
E 5 HOH 12 83  83 HOH HOH A . 
E 5 HOH 13 84  84 HOH HOH A . 
E 5 HOH 14 85  85 HOH HOH A . 
E 5 HOH 15 86  86 HOH HOH A . 
E 5 HOH 16 87  87 HOH HOH A . 
E 5 HOH 17 88  88 HOH HOH A . 
E 5 HOH 18 89  89 HOH HOH A . 
E 5 HOH 19 90  90 HOH HOH A . 
E 5 HOH 20 91  91 HOH HOH A . 
E 5 HOH 21 92  92 HOH HOH A . 
E 5 HOH 22 93  2  HOH HOH A . 
E 5 HOH 23 94  3  HOH HOH A . 
E 5 HOH 24 95  4  HOH HOH A . 
E 5 HOH 25 96  5  HOH HOH A . 
E 5 HOH 26 97  6  HOH HOH A . 
E 5 HOH 27 98  7  HOH HOH A . 
E 5 HOH 28 99  8  HOH HOH A . 
E 5 HOH 29 100 9  HOH HOH A . 
E 5 HOH 30 101 10 HOH HOH A . 
E 5 HOH 31 102 11 HOH HOH A . 
E 5 HOH 32 103 12 HOH HOH A . 
E 5 HOH 33 104 13 HOH HOH A . 
E 5 HOH 34 105 14 HOH HOH A . 
E 5 HOH 35 106 15 HOH HOH A . 
E 5 HOH 36 107 16 HOH HOH A . 
E 5 HOH 37 108 17 HOH HOH A . 
E 5 HOH 38 109 18 HOH HOH A . 
E 5 HOH 39 110 19 HOH HOH A . 
E 5 HOH 40 111 20 HOH HOH A . 
E 5 HOH 41 112 21 HOH HOH A . 
E 5 HOH 42 113 22 HOH HOH A . 
E 5 HOH 43 114 23 HOH HOH A . 
E 5 HOH 44 115 24 HOH HOH A . 
E 5 HOH 45 116 25 HOH HOH A . 
E 5 HOH 46 117 26 HOH HOH A . 
E 5 HOH 47 118 27 HOH HOH A . 
E 5 HOH 48 119 28 HOH HOH A . 
E 5 HOH 49 120 29 HOH HOH A . 
E 5 HOH 50 121 30 HOH HOH A . 
E 5 HOH 51 122 31 HOH HOH A . 
E 5 HOH 52 123 32 HOH HOH A . 
E 5 HOH 53 124 33 HOH HOH A . 
E 5 HOH 54 125 34 HOH HOH A . 
E 5 HOH 55 126 35 HOH HOH A . 
E 5 HOH 56 127 36 HOH HOH A . 
E 5 HOH 57 128 37 HOH HOH A . 
E 5 HOH 58 129 38 HOH HOH A . 
E 5 HOH 59 130 39 HOH HOH A . 
E 5 HOH 60 131 40 HOH HOH A . 
E 5 HOH 61 132 41 HOH HOH A . 
E 5 HOH 62 133 42 HOH HOH A . 
E 5 HOH 63 134 43 HOH HOH A . 
E 5 HOH 64 135 44 HOH HOH A . 
E 5 HOH 65 136 45 HOH HOH A . 
E 5 HOH 66 137 46 HOH HOH A . 
E 5 HOH 67 138 47 HOH HOH A . 
E 5 HOH 68 139 48 HOH HOH A . 
E 5 HOH 69 140 49 HOH HOH A . 
E 5 HOH 70 141 50 HOH HOH A . 
E 5 HOH 71 142 51 HOH HOH A . 
E 5 HOH 72 143 52 HOH HOH A . 
E 5 HOH 73 144 53 HOH HOH A . 
E 5 HOH 74 145 54 HOH HOH A . 
E 5 HOH 75 146 55 HOH HOH A . 
E 5 HOH 76 147 56 HOH HOH A . 
E 5 HOH 77 148 57 HOH HOH A . 
E 5 HOH 78 149 58 HOH HOH A . 
E 5 HOH 79 150 59 HOH HOH A . 
E 5 HOH 80 151 60 HOH HOH A . 
E 5 HOH 81 152 61 HOH HOH A . 
E 5 HOH 82 153 62 HOH HOH A . 
E 5 HOH 83 154 63 HOH HOH A . 
E 5 HOH 84 155 64 HOH HOH A . 
E 5 HOH 85 156 65 HOH HOH A . 
E 5 HOH 86 157 66 HOH HOH A . 
E 5 HOH 87 158 67 HOH HOH A . 
E 5 HOH 88 159 68 HOH HOH A . 
E 5 HOH 89 160 69 HOH HOH A . 
E 5 HOH 90 161 70 HOH HOH A . 
E 5 HOH 91 162 71 HOH HOH A . 
# 
loop_
_software.pdbx_ordinal 
_software.name 
_software.version 
_software.date 
_software.type 
_software.contact_author 
_software.contact_author_email 
_software.classification 
_software.location 
_software.language 
_software.citation_id 
1 REFMAC      5.5.0088 ?               program 'Garib N. Murshudov' garib@ysbl.york.ac.uk refinement        
http://www.ccp4.ac.uk/dist/html/refmac5.html Fortran_77 ? 
2 PDB_EXTRACT 3.005    'June 11, 2008' package PDB                  help@deposit.rcsb.org 'data extraction' 
http://sw-tools.pdb.org/apps/PDB_EXTRACT/    C++        ? 
3 DENZO       .        ?               ?       ?                    ?                     'data reduction'  ? ?          ? 
4 SCALEPACK   .        ?               ?       ?                    ?                     'data scaling'    ? ?          ? 
# 
_cell.length_a           54.070 
_cell.length_b           54.070 
_cell.length_c           55.578 
_cell.angle_alpha        90.000 
_cell.angle_beta         90.000 
_cell.angle_gamma        120.000 
_cell.entry_id           3IWL 
_cell.pdbx_unique_axis   ? 
_cell.Z_PDB              6 
_cell.length_a_esd       ? 
_cell.length_b_esd       ? 
_cell.length_c_esd       ? 
_cell.angle_alpha_esd    ? 
_cell.angle_beta_esd     ? 
_cell.angle_gamma_esd    ? 
# 
_symmetry.space_group_name_H-M             'P 32 2 1' 
_symmetry.entry_id                         3IWL 
_symmetry.pdbx_full_space_group_name_H-M   ? 
_symmetry.Int_Tables_number                154 
_symmetry.cell_setting                     ? 
_symmetry.space_group_name_Hall            ? 
# 
_exptl.crystals_number   1 
_exptl.entry_id          3IWL 
_exptl.method            'X-RAY DIFFRACTION' 
# 
_exptl_crystal.id                    1 
_exptl_crystal.density_Matthews      3.16 
_exptl_crystal.density_meas          ? 
_exptl_crystal.density_percent_sol   61.12 
_exptl_crystal.description           ? 
_exptl_crystal.F_000                 ? 
_exptl_crystal.preparation           ? 
# 
_exptl_crystal_grow.crystal_id      1 
_exptl_crystal_grow.method          'VAPOR DIFFUSION, HANGING DROP' 
_exptl_crystal_grow.pH              6 
_exptl_crystal_grow.temp            294 
_exptl_crystal_grow.pdbx_details    '2M lithium sulfate, 0.1M MES, pH 6, VAPOR DIFFUSION, HANGING DROP, temperature 294K' 
_exptl_crystal_grow.temp_details    ? 
_exptl_crystal_grow.pdbx_pH_range   ? 
# 
_diffrn.id                     1 
_diffrn.ambient_temp           113 
_diffrn.ambient_temp_details   ? 
_diffrn.crystal_id             1 
# 
_diffrn_detector.diffrn_id              1 
_diffrn_detector.detector               CCD 
_diffrn_detector.type                   MARRESEARCH 
_diffrn_detector.pdbx_collection_date   2009-04-01 
_diffrn_detector.details                ? 
# 
_diffrn_radiation.diffrn_id                        1 
_diffrn_radiation.pdbx_diffrn_protocol             'SINGLE WAVELENGTH' 
_diffrn_radiation.monochromator                    ? 
_diffrn_radiation.wavelength_id                    1 
_diffrn_radiation.pdbx_monochromatic_or_laue_m_l   M 
_diffrn_radiation.pdbx_scattering_type             x-ray 
# 
_diffrn_radiation_wavelength.id           1 
_diffrn_radiation_wavelength.wavelength   0.90511 
_diffrn_radiation_wavelength.wt           1.0 
# 
_diffrn_source.diffrn_id                   1 
_diffrn_source.source                      SYNCHROTRON 
_diffrn_source.type                        'APS BEAMLINE 23-ID-B' 
_diffrn_source.pdbx_wavelength_list        0.90511 
_diffrn_source.pdbx_wavelength             ? 
_diffrn_source.pdbx_synchrotron_site       APS 
_diffrn_source.pdbx_synchrotron_beamline   23-ID-B 
# 
_reflns.entry_id                     3IWL 
_reflns.observed_criterion_sigma_F   ? 
_reflns.observed_criterion_sigma_I   ? 
_reflns.d_resolution_high            1.6 
_reflns.d_resolution_low             50 
_reflns.number_all                   ? 
_reflns.number_obs                   13182 
_reflns.percent_possible_obs         ? 
_reflns.pdbx_Rmerge_I_obs            ? 
_reflns.pdbx_Rsym_value              ? 
_reflns.pdbx_netI_over_sigmaI        ? 
_reflns.B_iso_Wilson_estimate        ? 
_reflns.pdbx_redundancy              ? 
_reflns.R_free_details               ? 
_reflns.limit_h_max                  ? 
_reflns.limit_h_min                  ? 
_reflns.limit_k_max                  ? 
_reflns.limit_k_min                  ? 
_reflns.limit_l_max                  ? 
_reflns.limit_l_min                  ? 
_reflns.observed_criterion_F_max     ? 
_reflns.observed_criterion_F_min     ? 
_reflns.pdbx_chi_squared             ? 
_reflns.pdbx_scaling_rejects         ? 
_reflns.pdbx_diffrn_id               1 
_reflns.pdbx_ordinal                 1 
# 
_refine.entry_id                                 3IWL 
_refine.ls_d_res_high                            1.600 
_refine.ls_d_res_low                             46.830 
_refine.pdbx_ls_sigma_F                          0.00 
_refine.pdbx_data_cutoff_high_absF               ? 
_refine.pdbx_data_cutoff_low_absF                ? 
_refine.ls_percent_reflns_obs                    99.600 
_refine.ls_number_reflns_obs                     12681 
_refine.ls_number_reflns_all                     12060 
_refine.pdbx_ls_cross_valid_method               THROUGHOUT 
_refine.pdbx_R_Free_selection_details            RANDOM 
_refine.details                                  
'HYDROGENS HAVE BEEN ADDED IN THE RIDING POSITIONS. U VALUES: REFINED INDIVIDUALLY' 
_refine.ls_R_factor_all                          ? 
_refine.ls_R_factor_obs                          0.181 
_refine.ls_R_factor_R_work                       0.179 
_refine.ls_wR_factor_R_work                      ? 
_refine.ls_R_factor_R_free                       0.210 
_refine.ls_wR_factor_R_free                      ? 
_refine.ls_percent_reflns_R_free                 4.900 
_refine.ls_number_reflns_R_free                  621 
_refine.ls_R_factor_R_free_error                 ? 
_refine.B_iso_mean                               21.001 
_refine.solvent_model_param_bsol                 ? 
_refine.solvent_model_param_ksol                 ? 
_refine.pdbx_isotropic_thermal_model             ? 
_refine.aniso_B[1][1]                            0.240 
_refine.aniso_B[2][2]                            0.240 
_refine.aniso_B[3][3]                            -0.360 
_refine.aniso_B[1][2]                            0.120 
_refine.aniso_B[1][3]                            0.000 
_refine.aniso_B[2][3]                            0.000 
_refine.correlation_coeff_Fo_to_Fc               0.962 
_refine.correlation_coeff_Fo_to_Fc_free          0.949 
_refine.overall_SU_R_Cruickshank_DPI             ? 
_refine.overall_SU_R_free                        ? 
_refine.pdbx_overall_ESU_R                       0.074 
_refine.pdbx_overall_ESU_R_Free                  0.077 
_refine.overall_SU_ML                            0.052 
_refine.overall_SU_B                             1.468 
_refine.solvent_model_details                    MASK 
_refine.pdbx_solvent_vdw_probe_radii             1.200 
_refine.pdbx_solvent_ion_probe_radii             0.800 
_refine.pdbx_solvent_shrinkage_radii             0.800 
_refine.ls_number_parameters                     ? 
_refine.ls_number_restraints                     ? 
_refine.pdbx_starting_model                      ? 
_refine.pdbx_method_to_determine_struct          'MOLECULAR REPLACEMENT' 
_refine.pdbx_stereochemistry_target_values       'MAXIMUM LIKELIHOOD' 
_refine.pdbx_stereochem_target_val_spec_case     ? 
_refine.overall_FOM_work_R_set                   ? 
_refine.B_iso_max                                74.25 
_refine.B_iso_min                                11.03 
_refine.occupancy_max                            1.00 
_refine.occupancy_min                            0.50 
_refine.pdbx_ls_sigma_I                          ? 
_refine.ls_redundancy_reflns_obs                 ? 
_refine.ls_R_factor_R_free_error_details         ? 
_refine.pdbx_data_cutoff_high_rms_absF           ? 
_refine.overall_FOM_free_R_set                   ? 
_refine.pdbx_overall_phase_error                 ? 
_refine.pdbx_refine_id                           'X-RAY DIFFRACTION' 
_refine.pdbx_diffrn_id                           1 
_refine.pdbx_TLS_residual_ADP_flag               ? 
_refine.pdbx_overall_SU_R_free_Cruickshank_DPI   ? 
_refine.pdbx_overall_SU_R_Blow_DPI               ? 
_refine.pdbx_overall_SU_R_free_Blow_DPI          ? 
# 
_refine_hist.pdbx_refine_id                   'X-RAY DIFFRACTION' 
_refine_hist.cycle_id                         LAST 
_refine_hist.pdbx_number_atoms_protein        496 
_refine_hist.pdbx_number_atoms_nucleic_acid   0 
_refine_hist.pdbx_number_atoms_ligand         22 
_refine_hist.number_atoms_solvent             91 
_refine_hist.number_atoms_total               609 
_refine_hist.d_res_high                       1.600 
_refine_hist.d_res_low                        46.830 
# 
loop_
_refine_ls_restr.type 
_refine_ls_restr.number 
_refine_ls_restr.dev_ideal 
_refine_ls_restr.dev_ideal_target 
_refine_ls_restr.weight 
_refine_ls_restr.pdbx_refine_id 
_refine_ls_restr.pdbx_restraint_function 
r_bond_refined_d       521 0.010  0.022  ? 'X-RAY DIFFRACTION' ? 
r_angle_refined_deg    697 1.252  2.029  ? 'X-RAY DIFFRACTION' ? 
r_dihedral_angle_1_deg 65  5.766  5.000  ? 'X-RAY DIFFRACTION' ? 
r_dihedral_angle_2_deg 16  33.149 25.625 ? 'X-RAY DIFFRACTION' ? 
r_dihedral_angle_3_deg 99  10.582 15.000 ? 'X-RAY DIFFRACTION' ? 
r_dihedral_angle_4_deg 1   0.225  15.000 ? 'X-RAY DIFFRACTION' ? 
r_chiral_restr         82  0.110  0.200  ? 'X-RAY DIFFRACTION' ? 
r_gen_planes_refined   356 0.005  0.020  ? 'X-RAY DIFFRACTION' ? 
r_mcbond_it            325 0.743  1.500  ? 'X-RAY DIFFRACTION' ? 
r_mcangle_it           522 1.592  2.000  ? 'X-RAY DIFFRACTION' ? 
r_scbond_it            196 2.922  3.000  ? 'X-RAY DIFFRACTION' ? 
r_scangle_it           175 4.708  4.500  ? 'X-RAY DIFFRACTION' ? 
# 
_refine_ls_shell.d_res_high                       1.602 
_refine_ls_shell.d_res_low                        1.644 
_refine_ls_shell.pdbx_total_number_of_bins_used   20 
_refine_ls_shell.percent_reflns_obs               97.300 
_refine_ls_shell.number_reflns_R_work             858 
_refine_ls_shell.R_factor_all                     ? 
_refine_ls_shell.R_factor_R_work                  0.248 
_refine_ls_shell.R_factor_R_free                  0.258 
_refine_ls_shell.percent_reflns_R_free            ? 
_refine_ls_shell.number_reflns_R_free             44 
_refine_ls_shell.R_factor_R_free_error            ? 
_refine_ls_shell.number_reflns_all                902 
_refine_ls_shell.number_reflns_obs                ? 
_refine_ls_shell.redundancy_reflns_obs            ? 
_refine_ls_shell.pdbx_refine_id                   'X-RAY DIFFRACTION' 
# 
_struct.entry_id                  3IWL 
_struct.title                     'Crystal structure of cisplatin bound to a human copper chaperone (monomer)' 
_struct.pdbx_model_details        ? 
_struct.pdbx_CASP_flag            ? 
_struct.pdbx_model_type_details   ? 
# 
_struct_keywords.entry_id        3IWL 
_struct_keywords.text            
;beta-alpha-beta-beta-alpha-beta, transport protein, cisplatin, platinum, Chaperone, Copper, Copper transport, Ion transport, Metal-binding, Transport, METAL TRANSPORT
;
_struct_keywords.pdbx_keywords   'METAL TRANSPORT' 
# 
loop_
_struct_asym.id 
_struct_asym.pdbx_blank_PDB_chainid_flag 
_struct_asym.pdbx_modified 
_struct_asym.entity_id 
_struct_asym.details 
A N N 1 ? 
B N N 2 ? 
C N N 3 ? 
D N N 4 ? 
E N N 5 ? 
# 
_struct_ref.id                         1 
_struct_ref.db_name                    UNP 
_struct_ref.db_code                    ATOX1_HUMAN 
_struct_ref.pdbx_db_accession          O00244 
_struct_ref.entity_id                  1 
_struct_ref.pdbx_seq_one_letter_code   MPKHEFSVDMTCGGCAEAVSRVLNKLGGVKYDIDLPNKKVCIESEHSMDTLLATLKKTGKTVSYLGLE 
_struct_ref.pdbx_align_begin           1 
_struct_ref.pdbx_db_isoform            ? 
# 
_struct_ref_seq.align_id                      1 
_struct_ref_seq.ref_id                        1 
_struct_ref_seq.pdbx_PDB_id_code              3IWL 
_struct_ref_seq.pdbx_strand_id                A 
_struct_ref_seq.seq_align_beg                 1 
_struct_ref_seq.pdbx_seq_align_beg_ins_code   ? 
_struct_ref_seq.seq_align_end                 68 
_struct_ref_seq.pdbx_seq_align_end_ins_code   ? 
_struct_ref_seq.pdbx_db_accession             O00244 
_struct_ref_seq.db_align_beg                  1 
_struct_ref_seq.pdbx_db_align_beg_ins_code    ? 
_struct_ref_seq.db_align_end                  68 
_struct_ref_seq.pdbx_db_align_end_ins_code    ? 
_struct_ref_seq.pdbx_auth_seq_align_beg       1 
_struct_ref_seq.pdbx_auth_seq_align_end       68 
# 
loop_
_pdbx_struct_assembly.id 
_pdbx_struct_assembly.details 
_pdbx_struct_assembly.method_details 
_pdbx_struct_assembly.oligomeric_details 
_pdbx_struct_assembly.oligomeric_count 
1 author_defined_assembly   ?    monomeric 1 
2 software_defined_assembly PISA dimeric   2 
# 
loop_
_pdbx_struct_assembly_prop.biol_id 
_pdbx_struct_assembly_prop.type 
_pdbx_struct_assembly_prop.value 
_pdbx_struct_assembly_prop.details 
2 'ABSA (A^2)' 980  ? 
2 MORE         -33  ? 
2 'SSA (A^2)'  7430 ? 
# 
loop_
_pdbx_struct_assembly_gen.assembly_id 
_pdbx_struct_assembly_gen.oper_expression 
_pdbx_struct_assembly_gen.asym_id_list 
1 1   A,B,C,D,E 
2 1,2 A,B,C,D,E 
# 
loop_
_pdbx_struct_oper_list.id 
_pdbx_struct_oper_list.type 
_pdbx_struct_oper_list.name 
_pdbx_struct_oper_list.symmetry_operation 
_pdbx_struct_oper_list.matrix[1][1] 
_pdbx_struct_oper_list.matrix[1][2] 
_pdbx_struct_oper_list.matrix[1][3] 
_pdbx_struct_oper_list.vector[1] 
_pdbx_struct_oper_list.matrix[2][1] 
_pdbx_struct_oper_list.matrix[2][2] 
_pdbx_struct_oper_list.matrix[2][3] 
_pdbx_struct_oper_list.vector[2] 
_pdbx_struct_oper_list.matrix[3][1] 
_pdbx_struct_oper_list.matrix[3][2] 
_pdbx_struct_oper_list.matrix[3][3] 
_pdbx_struct_oper_list.vector[3] 
1 'identity operation'         1_555 x,y,z          1.0000000000 0.0000000000 0.0000000000 0.0000000000 0.0000000000 1.0000000000  0.0000000000 0.0000000000 0.0000000000 0.0000000000 1.0000000000  0.0000000000   
2 'crystal symmetry operation' 6_554 -x,-x+y,-z-1/3 0.9089077380 0.1861370590 0.3731483876 5.1204141854 0.1861370590 -0.9818498275 0.0363855948 0.5609360411 0.3731483876 0.0363855948 -0.9270579104 -26.4742112578 
# 
_struct_biol.id        1 
_struct_biol.details   ? 
# 
loop_
_struct_conf.conf_type_id 
_struct_conf.id 
_struct_conf.pdbx_PDB_helix_id 
_struct_conf.beg_label_comp_id 
_struct_conf.beg_label_asym_id 
_struct_conf.beg_label_seq_id 
_struct_conf.pdbx_beg_PDB_ins_code 
_struct_conf.end_label_comp_id 
_struct_conf.end_label_asym_id 
_struct_conf.end_label_seq_id 
_struct_conf.pdbx_end_PDB_ins_code 
_struct_conf.beg_auth_comp_id 
_struct_conf.beg_auth_asym_id 
_struct_conf.beg_auth_seq_id 
_struct_conf.end_auth_comp_id 
_struct_conf.end_auth_asym_id 
_struct_conf.end_auth_seq_id 
_struct_conf.pdbx_PDB_helix_class 
_struct_conf.details 
_struct_conf.pdbx_PDB_helix_length 
HELX_P HELX_P1 1 CYS A 12 ? GLY A 27 ? CYS A 12 GLY A 27 1 ? 16 
HELX_P HELX_P2 2 SER A 47 ? LYS A 57 ? SER A 47 LYS A 57 1 ? 11 
# 
_struct_conf_type.id          HELX_P 
_struct_conf_type.criteria    ? 
_struct_conf_type.reference   ? 
# 
loop_
_struct_conn.id 
_struct_conn.conn_type_id 
_struct_conn.pdbx_leaving_atom_flag 
_struct_conn.pdbx_PDB_id 
_struct_conn.ptnr1_label_asym_id 
_struct_conn.ptnr1_label_comp_id 
_struct_conn.ptnr1_label_seq_id 
_struct_conn.ptnr1_label_atom_id 
_struct_conn.pdbx_ptnr1_label_alt_id 
_struct_conn.pdbx_ptnr1_PDB_ins_code 
_struct_conn.pdbx_ptnr1_standard_comp_id 
_struct_conn.ptnr1_symmetry 
_struct_conn.ptnr2_label_asym_id 
_struct_conn.ptnr2_label_comp_id 
_struct_conn.ptnr2_label_seq_id 
_struct_conn.ptnr2_label_atom_id 
_struct_conn.pdbx_ptnr2_label_alt_id 
_struct_conn.pdbx_ptnr2_PDB_ins_code 
_struct_conn.ptnr1_auth_asym_id 
_struct_conn.ptnr1_auth_comp_id 
_struct_conn.ptnr1_auth_seq_id 
_struct_conn.ptnr2_auth_asym_id 
_struct_conn.ptnr2_auth_comp_id 
_struct_conn.ptnr2_auth_seq_id 
_struct_conn.ptnr2_symmetry 
_struct_conn.pdbx_ptnr3_label_atom_id 
_struct_conn.pdbx_ptnr3_label_seq_id 
_struct_conn.pdbx_ptnr3_label_comp_id 
_struct_conn.pdbx_ptnr3_label_asym_id 
_struct_conn.pdbx_ptnr3_label_alt_id 
_struct_conn.pdbx_ptnr3_PDB_ins_code 
_struct_conn.details 
_struct_conn.pdbx_dist_value 
_struct_conn.pdbx_value_order 
_struct_conn.pdbx_role 
metalc1 metalc ? ? A CYS 12 N  ? ? ? 1_555 B PT . PT ? ? A CYS 12 A PT 69 1_555 ? ? ? ? ? ? ? 2.271 ? ? 
metalc2 metalc ? ? A CYS 12 SG ? ? ? 1_555 B PT . PT ? ? A CYS 12 A PT 69 1_555 ? ? ? ? ? ? ? 2.297 ? ? 
metalc3 metalc ? ? A CYS 15 SG ? ? ? 1_555 B PT . PT ? ? A CYS 15 A PT 69 1_555 ? ? ? ? ? ? ? 2.354 ? ? 
# 
_struct_conn_type.id          metalc 
_struct_conn_type.criteria    ? 
_struct_conn_type.reference   ? 
# 
loop_
_pdbx_struct_conn_angle.id 
_pdbx_struct_conn_angle.ptnr1_label_atom_id 
_pdbx_struct_conn_angle.ptnr1_label_alt_id 
_pdbx_struct_conn_angle.ptnr1_label_asym_id 
_pdbx_struct_conn_angle.ptnr1_label_comp_id 
_pdbx_struct_conn_angle.ptnr1_label_seq_id 
_pdbx_struct_conn_angle.ptnr1_auth_atom_id 
_pdbx_struct_conn_angle.ptnr1_auth_asym_id 
_pdbx_struct_conn_angle.ptnr1_auth_comp_id 
_pdbx_struct_conn_angle.ptnr1_auth_seq_id 
_pdbx_struct_conn_angle.ptnr1_PDB_ins_code 
_pdbx_struct_conn_angle.ptnr1_symmetry 
_pdbx_struct_conn_angle.ptnr2_label_atom_id 
_pdbx_struct_conn_angle.ptnr2_label_alt_id 
_pdbx_struct_conn_angle.ptnr2_label_asym_id 
_pdbx_struct_conn_angle.ptnr2_label_comp_id 
_pdbx_struct_conn_angle.ptnr2_label_seq_id 
_pdbx_struct_conn_angle.ptnr2_auth_atom_id 
_pdbx_struct_conn_angle.ptnr2_auth_asym_id 
_pdbx_struct_conn_angle.ptnr2_auth_comp_id 
_pdbx_struct_conn_angle.ptnr2_auth_seq_id 
_pdbx_struct_conn_angle.ptnr2_PDB_ins_code 
_pdbx_struct_conn_angle.ptnr2_symmetry 
_pdbx_struct_conn_angle.ptnr3_label_atom_id 
_pdbx_struct_conn_angle.ptnr3_label_alt_id 
_pdbx_struct_conn_angle.ptnr3_label_asym_id 
_pdbx_struct_conn_angle.ptnr3_label_comp_id 
_pdbx_struct_conn_angle.ptnr3_label_seq_id 
_pdbx_struct_conn_angle.ptnr3_auth_atom_id 
_pdbx_struct_conn_angle.ptnr3_auth_asym_id 
_pdbx_struct_conn_angle.ptnr3_auth_comp_id 
_pdbx_struct_conn_angle.ptnr3_auth_seq_id 
_pdbx_struct_conn_angle.ptnr3_PDB_ins_code 
_pdbx_struct_conn_angle.ptnr3_symmetry 
_pdbx_struct_conn_angle.value 
_pdbx_struct_conn_angle.value_esd 
1 N  ? A CYS 12 ? A CYS 12 ? 1_555 PT ? B PT . ? A PT 69 ? 1_555 SG ? A CYS 12 ? A CYS 12 ? 1_555 82.2  ? 
2 N  ? A CYS 12 ? A CYS 12 ? 1_555 PT ? B PT . ? A PT 69 ? 1_555 SG ? A CYS 15 ? A CYS 15 ? 1_555 99.3  ? 
3 SG ? A CYS 12 ? A CYS 12 ? 1_555 PT ? B PT . ? A PT 69 ? 1_555 SG ? A CYS 15 ? A CYS 15 ? 1_555 173.1 ? 
# 
_struct_sheet.id               A 
_struct_sheet.type             ? 
_struct_sheet.number_strands   4 
_struct_sheet.details          ? 
# 
loop_
_struct_sheet_order.sheet_id 
_struct_sheet_order.range_id_1 
_struct_sheet_order.range_id_2 
_struct_sheet_order.offset 
_struct_sheet_order.sense 
A 1 2 ? anti-parallel 
A 2 3 ? anti-parallel 
A 3 4 ? anti-parallel 
# 
loop_
_struct_sheet_range.sheet_id 
_struct_sheet_range.id 
_struct_sheet_range.beg_label_comp_id 
_struct_sheet_range.beg_label_asym_id 
_struct_sheet_range.beg_label_seq_id 
_struct_sheet_range.pdbx_beg_PDB_ins_code 
_struct_sheet_range.end_label_comp_id 
_struct_sheet_range.end_label_asym_id 
_struct_sheet_range.end_label_seq_id 
_struct_sheet_range.pdbx_end_PDB_ins_code 
_struct_sheet_range.beg_auth_comp_id 
_struct_sheet_range.beg_auth_asym_id 
_struct_sheet_range.beg_auth_seq_id 
_struct_sheet_range.end_auth_comp_id 
_struct_sheet_range.end_auth_asym_id 
_struct_sheet_range.end_auth_seq_id 
A 1 VAL A 29 ? ASP A 34 ? VAL A 29 ASP A 34 
A 2 LYS A 39 ? SER A 44 ? LYS A 39 SER A 44 
A 3 LYS A 3  ? VAL A 8  ? LYS A 3  VAL A 8  
A 4 VAL A 62 ? GLY A 66 ? VAL A 62 GLY A 66 
# 
loop_
_pdbx_struct_sheet_hbond.sheet_id 
_pdbx_struct_sheet_hbond.range_id_1 
_pdbx_struct_sheet_hbond.range_id_2 
_pdbx_struct_sheet_hbond.range_1_label_atom_id 
_pdbx_struct_sheet_hbond.range_1_label_comp_id 
_pdbx_struct_sheet_hbond.range_1_label_asym_id 
_pdbx_struct_sheet_hbond.range_1_label_seq_id 
_pdbx_struct_sheet_hbond.range_1_PDB_ins_code 
_pdbx_struct_sheet_hbond.range_1_auth_atom_id 
_pdbx_struct_sheet_hbond.range_1_auth_comp_id 
_pdbx_struct_sheet_hbond.range_1_auth_asym_id 
_pdbx_struct_sheet_hbond.range_1_auth_seq_id 
_pdbx_struct_sheet_hbond.range_2_label_atom_id 
_pdbx_struct_sheet_hbond.range_2_label_comp_id 
_pdbx_struct_sheet_hbond.range_2_label_asym_id 
_pdbx_struct_sheet_hbond.range_2_label_seq_id 
_pdbx_struct_sheet_hbond.range_2_PDB_ins_code 
_pdbx_struct_sheet_hbond.range_2_auth_atom_id 
_pdbx_struct_sheet_hbond.range_2_auth_comp_id 
_pdbx_struct_sheet_hbond.range_2_auth_asym_id 
_pdbx_struct_sheet_hbond.range_2_auth_seq_id 
A 1 2 N LYS A 30 ? N LYS A 30 O GLU A 43 ? O GLU A 43 
A 2 3 O ILE A 42 ? O ILE A 42 N HIS A 4  ? N HIS A 4  
A 3 4 N GLU A 5  ? N GLU A 5  O LEU A 65 ? O LEU A 65 
# 
loop_
_struct_site.id 
_struct_site.pdbx_evidence_code 
_struct_site.pdbx_auth_asym_id 
_struct_site.pdbx_auth_comp_id 
_struct_site.pdbx_auth_seq_id 
_struct_site.pdbx_auth_ins_code 
_struct_site.pdbx_num_residues 
_struct_site.details 
AC1 Software A PT  69 ? 4 'BINDING SITE FOR RESIDUE PT A 69'  
AC2 Software A SO4 70 ? 6 'BINDING SITE FOR RESIDUE SO4 A 70' 
AC3 Software A TCE 71 ? 9 'BINDING SITE FOR RESIDUE TCE A 71' 
# 
loop_
_struct_site_gen.id 
_struct_site_gen.site_id 
_struct_site_gen.pdbx_num_res 
_struct_site_gen.label_comp_id 
_struct_site_gen.label_asym_id 
_struct_site_gen.label_seq_id 
_struct_site_gen.pdbx_auth_ins_code 
_struct_site_gen.auth_comp_id 
_struct_site_gen.auth_asym_id 
_struct_site_gen.auth_seq_id 
_struct_site_gen.label_atom_id 
_struct_site_gen.label_alt_id 
_struct_site_gen.symmetry 
_struct_site_gen.details 
1  AC1 4 THR A 11 ? THR A 11  . ? 1_555 ? 
2  AC1 4 CYS A 12 ? CYS A 12  . ? 1_555 ? 
3  AC1 4 CYS A 15 ? CYS A 15  . ? 1_555 ? 
4  AC1 4 TCE D .  ? TCE A 71  . ? 1_555 ? 
5  AC2 6 GLY A 27 ? GLY A 27  . ? 1_555 ? 
6  AC2 6 GLY A 28 ? GLY A 28  . ? 1_555 ? 
7  AC2 6 HIS A 46 ? HIS A 46  . ? 6_554 ? 
8  AC2 6 SER A 47 ? SER A 47  . ? 6_554 ? 
9  AC2 6 THR A 50 ? THR A 50  . ? 6_554 ? 
10 AC2 6 HOH E .  ? HOH A 80  . ? 6_554 ? 
11 AC3 9 THR A 11 ? THR A 11  . ? 1_555 ? 
12 AC3 9 CYS A 12 ? CYS A 12  . ? 1_555 ? 
13 AC3 9 GLY A 14 ? GLY A 14  . ? 1_555 ? 
14 AC3 9 CYS A 15 ? CYS A 15  . ? 1_555 ? 
15 AC3 9 LYS A 60 ? LYS A 60  . ? 1_555 ? 
16 AC3 9 PT  B .  ? PT  A 69  . ? 1_555 ? 
17 AC3 9 HOH E .  ? HOH A 129 . ? 5_554 ? 
18 AC3 9 HOH E .  ? HOH A 152 . ? 1_555 ? 
19 AC3 9 HOH E .  ? HOH A 156 . ? 1_555 ? 
# 
_pdbx_validate_torsion.id              1 
_pdbx_validate_torsion.PDB_model_num   1 
_pdbx_validate_torsion.auth_comp_id    CYS 
_pdbx_validate_torsion.auth_asym_id    A 
_pdbx_validate_torsion.auth_seq_id     12 
_pdbx_validate_torsion.PDB_ins_code    ? 
_pdbx_validate_torsion.label_alt_id    ? 
_pdbx_validate_torsion.phi             -138.62 
_pdbx_validate_torsion.psi             -159.46 
# 
_pdbx_struct_special_symmetry.id              1 
_pdbx_struct_special_symmetry.PDB_model_num   1 
_pdbx_struct_special_symmetry.auth_asym_id    A 
_pdbx_struct_special_symmetry.auth_comp_id    HOH 
_pdbx_struct_special_symmetry.auth_seq_id     104 
_pdbx_struct_special_symmetry.PDB_ins_code    ? 
_pdbx_struct_special_symmetry.label_asym_id   E 
_pdbx_struct_special_symmetry.label_comp_id   HOH 
_pdbx_struct_special_symmetry.label_seq_id    . 
# 
loop_
_pdbx_unobs_or_zero_occ_residues.id 
_pdbx_unobs_or_zero_occ_residues.PDB_model_num 
_pdbx_unobs_or_zero_occ_residues.polymer_flag 
_pdbx_unobs_or_zero_occ_residues.occupancy_flag 
_pdbx_unobs_or_zero_occ_residues.auth_asym_id 
_pdbx_unobs_or_zero_occ_residues.auth_comp_id 
_pdbx_unobs_or_zero_occ_residues.auth_seq_id 
_pdbx_unobs_or_zero_occ_residues.PDB_ins_code 
_pdbx_unobs_or_zero_occ_residues.label_asym_id 
_pdbx_unobs_or_zero_occ_residues.label_comp_id 
_pdbx_unobs_or_zero_occ_residues.label_seq_id 
1 1 Y 1 A MET 1  ? A MET 1  
2 1 Y 1 A GLU 68 ? A GLU 68 
# 
loop_
_chem_comp_atom.comp_id 
_chem_comp_atom.atom_id 
_chem_comp_atom.type_symbol 
_chem_comp_atom.pdbx_aromatic_flag 
_chem_comp_atom.pdbx_stereo_config 
_chem_comp_atom.pdbx_ordinal 
ALA N    N  N N 1   
ALA CA   C  N S 2   
ALA C    C  N N 3   
ALA O    O  N N 4   
ALA CB   C  N N 5   
ALA OXT  O  N N 6   
ALA H    H  N N 7   
ALA H2   H  N N 8   
ALA HA   H  N N 9   
ALA HB1  H  N N 10  
ALA HB2  H  N N 11  
ALA HB3  H  N N 12  
ALA HXT  H  N N 13  
ARG N    N  N N 14  
ARG CA   C  N S 15  
ARG C    C  N N 16  
ARG O    O  N N 17  
ARG CB   C  N N 18  
ARG CG   C  N N 19  
ARG CD   C  N N 20  
ARG NE   N  N N 21  
ARG CZ   C  N N 22  
ARG NH1  N  N N 23  
ARG NH2  N  N N 24  
ARG OXT  O  N N 25  
ARG H    H  N N 26  
ARG H2   H  N N 27  
ARG HA   H  N N 28  
ARG HB2  H  N N 29  
ARG HB3  H  N N 30  
ARG HG2  H  N N 31  
ARG HG3  H  N N 32  
ARG HD2  H  N N 33  
ARG HD3  H  N N 34  
ARG HE   H  N N 35  
ARG HH11 H  N N 36  
ARG HH12 H  N N 37  
ARG HH21 H  N N 38  
ARG HH22 H  N N 39  
ARG HXT  H  N N 40  
ASN N    N  N N 41  
ASN CA   C  N S 42  
ASN C    C  N N 43  
ASN O    O  N N 44  
ASN CB   C  N N 45  
ASN CG   C  N N 46  
ASN OD1  O  N N 47  
ASN ND2  N  N N 48  
ASN OXT  O  N N 49  
ASN H    H  N N 50  
ASN H2   H  N N 51  
ASN HA   H  N N 52  
ASN HB2  H  N N 53  
ASN HB3  H  N N 54  
ASN HD21 H  N N 55  
ASN HD22 H  N N 56  
ASN HXT  H  N N 57  
ASP N    N  N N 58  
ASP CA   C  N S 59  
ASP C    C  N N 60  
ASP O    O  N N 61  
ASP CB   C  N N 62  
ASP CG   C  N N 63  
ASP OD1  O  N N 64  
ASP OD2  O  N N 65  
ASP OXT  O  N N 66  
ASP H    H  N N 67  
ASP H2   H  N N 68  
ASP HA   H  N N 69  
ASP HB2  H  N N 70  
ASP HB3  H  N N 71  
ASP HD2  H  N N 72  
ASP HXT  H  N N 73  
CYS N    N  N N 74  
CYS CA   C  N R 75  
CYS C    C  N N 76  
CYS O    O  N N 77  
CYS CB   C  N N 78  
CYS SG   S  N N 79  
CYS OXT  O  N N 80  
CYS H    H  N N 81  
CYS H2   H  N N 82  
CYS HA   H  N N 83  
CYS HB2  H  N N 84  
CYS HB3  H  N N 85  
CYS HG   H  N N 86  
CYS HXT  H  N N 87  
GLU N    N  N N 88  
GLU CA   C  N S 89  
GLU C    C  N N 90  
GLU O    O  N N 91  
GLU CB   C  N N 92  
GLU CG   C  N N 93  
GLU CD   C  N N 94  
GLU OE1  O  N N 95  
GLU OE2  O  N N 96  
GLU OXT  O  N N 97  
GLU H    H  N N 98  
GLU H2   H  N N 99  
GLU HA   H  N N 100 
GLU HB2  H  N N 101 
GLU HB3  H  N N 102 
GLU HG2  H  N N 103 
GLU HG3  H  N N 104 
GLU HE2  H  N N 105 
GLU HXT  H  N N 106 
GLY N    N  N N 107 
GLY CA   C  N N 108 
GLY C    C  N N 109 
GLY O    O  N N 110 
GLY OXT  O  N N 111 
GLY H    H  N N 112 
GLY H2   H  N N 113 
GLY HA2  H  N N 114 
GLY HA3  H  N N 115 
GLY HXT  H  N N 116 
HIS N    N  N N 117 
HIS CA   C  N S 118 
HIS C    C  N N 119 
HIS O    O  N N 120 
HIS CB   C  N N 121 
HIS CG   C  Y N 122 
HIS ND1  N  Y N 123 
HIS CD2  C  Y N 124 
HIS CE1  C  Y N 125 
HIS NE2  N  Y N 126 
HIS OXT  O  N N 127 
HIS H    H  N N 128 
HIS H2   H  N N 129 
HIS HA   H  N N 130 
HIS HB2  H  N N 131 
HIS HB3  H  N N 132 
HIS HD1  H  N N 133 
HIS HD2  H  N N 134 
HIS HE1  H  N N 135 
HIS HE2  H  N N 136 
HIS HXT  H  N N 137 
HOH O    O  N N 138 
HOH H1   H  N N 139 
HOH H2   H  N N 140 
ILE N    N  N N 141 
ILE CA   C  N S 142 
ILE C    C  N N 143 
ILE O    O  N N 144 
ILE CB   C  N S 145 
ILE CG1  C  N N 146 
ILE CG2  C  N N 147 
ILE CD1  C  N N 148 
ILE OXT  O  N N 149 
ILE H    H  N N 150 
ILE H2   H  N N 151 
ILE HA   H  N N 152 
ILE HB   H  N N 153 
ILE HG12 H  N N 154 
ILE HG13 H  N N 155 
ILE HG21 H  N N 156 
ILE HG22 H  N N 157 
ILE HG23 H  N N 158 
ILE HD11 H  N N 159 
ILE HD12 H  N N 160 
ILE HD13 H  N N 161 
ILE HXT  H  N N 162 
LEU N    N  N N 163 
LEU CA   C  N S 164 
LEU C    C  N N 165 
LEU O    O  N N 166 
LEU CB   C  N N 167 
LEU CG   C  N N 168 
LEU CD1  C  N N 169 
LEU CD2  C  N N 170 
LEU OXT  O  N N 171 
LEU H    H  N N 172 
LEU H2   H  N N 173 
LEU HA   H  N N 174 
LEU HB2  H  N N 175 
LEU HB3  H  N N 176 
LEU HG   H  N N 177 
LEU HD11 H  N N 178 
LEU HD12 H  N N 179 
LEU HD13 H  N N 180 
LEU HD21 H  N N 181 
LEU HD22 H  N N 182 
LEU HD23 H  N N 183 
LEU HXT  H  N N 184 
LYS N    N  N N 185 
LYS CA   C  N S 186 
LYS C    C  N N 187 
LYS O    O  N N 188 
LYS CB   C  N N 189 
LYS CG   C  N N 190 
LYS CD   C  N N 191 
LYS CE   C  N N 192 
LYS NZ   N  N N 193 
LYS OXT  O  N N 194 
LYS H    H  N N 195 
LYS H2   H  N N 196 
LYS HA   H  N N 197 
LYS HB2  H  N N 198 
LYS HB3  H  N N 199 
LYS HG2  H  N N 200 
LYS HG3  H  N N 201 
LYS HD2  H  N N 202 
LYS HD3  H  N N 203 
LYS HE2  H  N N 204 
LYS HE3  H  N N 205 
LYS HZ1  H  N N 206 
LYS HZ2  H  N N 207 
LYS HZ3  H  N N 208 
LYS HXT  H  N N 209 
MET N    N  N N 210 
MET CA   C  N S 211 
MET C    C  N N 212 
MET O    O  N N 213 
MET CB   C  N N 214 
MET CG   C  N N 215 
MET SD   S  N N 216 
MET CE   C  N N 217 
MET OXT  O  N N 218 
MET H    H  N N 219 
MET H2   H  N N 220 
MET HA   H  N N 221 
MET HB2  H  N N 222 
MET HB3  H  N N 223 
MET HG2  H  N N 224 
MET HG3  H  N N 225 
MET HE1  H  N N 226 
MET HE2  H  N N 227 
MET HE3  H  N N 228 
MET HXT  H  N N 229 
PHE N    N  N N 230 
PHE CA   C  N S 231 
PHE C    C  N N 232 
PHE O    O  N N 233 
PHE CB   C  N N 234 
PHE CG   C  Y N 235 
PHE CD1  C  Y N 236 
PHE CD2  C  Y N 237 
PHE CE1  C  Y N 238 
PHE CE2  C  Y N 239 
PHE CZ   C  Y N 240 
PHE OXT  O  N N 241 
PHE H    H  N N 242 
PHE H2   H  N N 243 
PHE HA   H  N N 244 
PHE HB2  H  N N 245 
PHE HB3  H  N N 246 
PHE HD1  H  N N 247 
PHE HD2  H  N N 248 
PHE HE1  H  N N 249 
PHE HE2  H  N N 250 
PHE HZ   H  N N 251 
PHE HXT  H  N N 252 
PRO N    N  N N 253 
PRO CA   C  N S 254 
PRO C    C  N N 255 
PRO O    O  N N 256 
PRO CB   C  N N 257 
PRO CG   C  N N 258 
PRO CD   C  N N 259 
PRO OXT  O  N N 260 
PRO H    H  N N 261 
PRO HA   H  N N 262 
PRO HB2  H  N N 263 
PRO HB3  H  N N 264 
PRO HG2  H  N N 265 
PRO HG3  H  N N 266 
PRO HD2  H  N N 267 
PRO HD3  H  N N 268 
PRO HXT  H  N N 269 
PT  PT   PT N N 270 
SER N    N  N N 271 
SER CA   C  N S 272 
SER C    C  N N 273 
SER O    O  N N 274 
SER CB   C  N N 275 
SER OG   O  N N 276 
SER OXT  O  N N 277 
SER H    H  N N 278 
SER H2   H  N N 279 
SER HA   H  N N 280 
SER HB2  H  N N 281 
SER HB3  H  N N 282 
SER HG   H  N N 283 
SER HXT  H  N N 284 
SO4 S    S  N N 285 
SO4 O1   O  N N 286 
SO4 O2   O  N N 287 
SO4 O3   O  N N 288 
SO4 O4   O  N N 289 
TCE O16  O  N N 290 
TCE C14  C  N N 291 
TCE O15  O  N N 292 
TCE C5   C  N N 293 
TCE C2   C  N N 294 
TCE P    P  N N 295 
TCE C3   C  N N 296 
TCE C6   C  N N 297 
TCE C8   C  N N 298 
TCE O10  O  N N 299 
TCE O9   O  N N 300 
TCE C1   C  N N 301 
TCE C4   C  N N 302 
TCE C11  C  N N 303 
TCE O12  O  N N 304 
TCE O13  O  N N 305 
TCE HO15 H  N N 306 
TCE H5   H  N N 307 
TCE H5A  H  N N 308 
TCE H2   H  N N 309 
TCE H2A  H  N N 310 
TCE H3   H  N N 311 
TCE H3A  H  N N 312 
TCE H6   H  N N 313 
TCE H6A  H  N N 314 
TCE HO9  H  N N 315 
TCE H1   H  N N 316 
TCE H1A  H  N N 317 
TCE H4   H  N N 318 
TCE H4A  H  N N 319 
TCE HO12 H  N N 320 
THR N    N  N N 321 
THR CA   C  N S 322 
THR C    C  N N 323 
THR O    O  N N 324 
THR CB   C  N R 325 
THR OG1  O  N N 326 
THR CG2  C  N N 327 
THR OXT  O  N N 328 
THR H    H  N N 329 
THR H2   H  N N 330 
THR HA   H  N N 331 
THR HB   H  N N 332 
THR HG1  H  N N 333 
THR HG21 H  N N 334 
THR HG22 H  N N 335 
THR HG23 H  N N 336 
THR HXT  H  N N 337 
TYR N    N  N N 338 
TYR CA   C  N S 339 
TYR C    C  N N 340 
TYR O    O  N N 341 
TYR CB   C  N N 342 
TYR CG   C  Y N 343 
TYR CD1  C  Y N 344 
TYR CD2  C  Y N 345 
TYR CE1  C  Y N 346 
TYR CE2  C  Y N 347 
TYR CZ   C  Y N 348 
TYR OH   O  N N 349 
TYR OXT  O  N N 350 
TYR H    H  N N 351 
TYR H2   H  N N 352 
TYR HA   H  N N 353 
TYR HB2  H  N N 354 
TYR HB3  H  N N 355 
TYR HD1  H  N N 356 
TYR HD2  H  N N 357 
TYR HE1  H  N N 358 
TYR HE2  H  N N 359 
TYR HH   H  N N 360 
TYR HXT  H  N N 361 
VAL N    N  N N 362 
VAL CA   C  N S 363 
VAL C    C  N N 364 
VAL O    O  N N 365 
VAL CB   C  N N 366 
VAL CG1  C  N N 367 
VAL CG2  C  N N 368 
VAL OXT  O  N N 369 
VAL H    H  N N 370 
VAL H2   H  N N 371 
VAL HA   H  N N 372 
VAL HB   H  N N 373 
VAL HG11 H  N N 374 
VAL HG12 H  N N 375 
VAL HG13 H  N N 376 
VAL HG21 H  N N 377 
VAL HG22 H  N N 378 
VAL HG23 H  N N 379 
VAL HXT  H  N N 380 
# 
loop_
_chem_comp_bond.comp_id 
_chem_comp_bond.atom_id_1 
_chem_comp_bond.atom_id_2 
_chem_comp_bond.value_order 
_chem_comp_bond.pdbx_aromatic_flag 
_chem_comp_bond.pdbx_stereo_config 
_chem_comp_bond.pdbx_ordinal 
ALA N   CA   sing N N 1   
ALA N   H    sing N N 2   
ALA N   H2   sing N N 3   
ALA CA  C    sing N N 4   
ALA CA  CB   sing N N 5   
ALA CA  HA   sing N N 6   
ALA C   O    doub N N 7   
ALA C   OXT  sing N N 8   
ALA CB  HB1  sing N N 9   
ALA CB  HB2  sing N N 10  
ALA CB  HB3  sing N N 11  
ALA OXT HXT  sing N N 12  
ARG N   CA   sing N N 13  
ARG N   H    sing N N 14  
ARG N   H2   sing N N 15  
ARG CA  C    sing N N 16  
ARG CA  CB   sing N N 17  
ARG CA  HA   sing N N 18  
ARG C   O    doub N N 19  
ARG C   OXT  sing N N 20  
ARG CB  CG   sing N N 21  
ARG CB  HB2  sing N N 22  
ARG CB  HB3  sing N N 23  
ARG CG  CD   sing N N 24  
ARG CG  HG2  sing N N 25  
ARG CG  HG3  sing N N 26  
ARG CD  NE   sing N N 27  
ARG CD  HD2  sing N N 28  
ARG CD  HD3  sing N N 29  
ARG NE  CZ   sing N N 30  
ARG NE  HE   sing N N 31  
ARG CZ  NH1  sing N N 32  
ARG CZ  NH2  doub N N 33  
ARG NH1 HH11 sing N N 34  
ARG NH1 HH12 sing N N 35  
ARG NH2 HH21 sing N N 36  
ARG NH2 HH22 sing N N 37  
ARG OXT HXT  sing N N 38  
ASN N   CA   sing N N 39  
ASN N   H    sing N N 40  
ASN N   H2   sing N N 41  
ASN CA  C    sing N N 42  
ASN CA  CB   sing N N 43  
ASN CA  HA   sing N N 44  
ASN C   O    doub N N 45  
ASN C   OXT  sing N N 46  
ASN CB  CG   sing N N 47  
ASN CB  HB2  sing N N 48  
ASN CB  HB3  sing N N 49  
ASN CG  OD1  doub N N 50  
ASN CG  ND2  sing N N 51  
ASN ND2 HD21 sing N N 52  
ASN ND2 HD22 sing N N 53  
ASN OXT HXT  sing N N 54  
ASP N   CA   sing N N 55  
ASP N   H    sing N N 56  
ASP N   H2   sing N N 57  
ASP CA  C    sing N N 58  
ASP CA  CB   sing N N 59  
ASP CA  HA   sing N N 60  
ASP C   O    doub N N 61  
ASP C   OXT  sing N N 62  
ASP CB  CG   sing N N 63  
ASP CB  HB2  sing N N 64  
ASP CB  HB3  sing N N 65  
ASP CG  OD1  doub N N 66  
ASP CG  OD2  sing N N 67  
ASP OD2 HD2  sing N N 68  
ASP OXT HXT  sing N N 69  
CYS N   CA   sing N N 70  
CYS N   H    sing N N 71  
CYS N   H2   sing N N 72  
CYS CA  C    sing N N 73  
CYS CA  CB   sing N N 74  
CYS CA  HA   sing N N 75  
CYS C   O    doub N N 76  
CYS C   OXT  sing N N 77  
CYS CB  SG   sing N N 78  
CYS CB  HB2  sing N N 79  
CYS CB  HB3  sing N N 80  
CYS SG  HG   sing N N 81  
CYS OXT HXT  sing N N 82  
GLU N   CA   sing N N 83  
GLU N   H    sing N N 84  
GLU N   H2   sing N N 85  
GLU CA  C    sing N N 86  
GLU CA  CB   sing N N 87  
GLU CA  HA   sing N N 88  
GLU C   O    doub N N 89  
GLU C   OXT  sing N N 90  
GLU CB  CG   sing N N 91  
GLU CB  HB2  sing N N 92  
GLU CB  HB3  sing N N 93  
GLU CG  CD   sing N N 94  
GLU CG  HG2  sing N N 95  
GLU CG  HG3  sing N N 96  
GLU CD  OE1  doub N N 97  
GLU CD  OE2  sing N N 98  
GLU OE2 HE2  sing N N 99  
GLU OXT HXT  sing N N 100 
GLY N   CA   sing N N 101 
GLY N   H    sing N N 102 
GLY N   H2   sing N N 103 
GLY CA  C    sing N N 104 
GLY CA  HA2  sing N N 105 
GLY CA  HA3  sing N N 106 
GLY C   O    doub N N 107 
GLY C   OXT  sing N N 108 
GLY OXT HXT  sing N N 109 
HIS N   CA   sing N N 110 
HIS N   H    sing N N 111 
HIS N   H2   sing N N 112 
HIS CA  C    sing N N 113 
HIS CA  CB   sing N N 114 
HIS CA  HA   sing N N 115 
HIS C   O    doub N N 116 
HIS C   OXT  sing N N 117 
HIS CB  CG   sing N N 118 
HIS CB  HB2  sing N N 119 
HIS CB  HB3  sing N N 120 
HIS CG  ND1  sing Y N 121 
HIS CG  CD2  doub Y N 122 
HIS ND1 CE1  doub Y N 123 
HIS ND1 HD1  sing N N 124 
HIS CD2 NE2  sing Y N 125 
HIS CD2 HD2  sing N N 126 
HIS CE1 NE2  sing Y N 127 
HIS CE1 HE1  sing N N 128 
HIS NE2 HE2  sing N N 129 
HIS OXT HXT  sing N N 130 
HOH O   H1   sing N N 131 
HOH O   H2   sing N N 132 
ILE N   CA   sing N N 133 
ILE N   H    sing N N 134 
ILE N   H2   sing N N 135 
ILE CA  C    sing N N 136 
ILE CA  CB   sing N N 137 
ILE CA  HA   sing N N 138 
ILE C   O    doub N N 139 
ILE C   OXT  sing N N 140 
ILE CB  CG1  sing N N 141 
ILE CB  CG2  sing N N 142 
ILE CB  HB   sing N N 143 
ILE CG1 CD1  sing N N 144 
ILE CG1 HG12 sing N N 145 
ILE CG1 HG13 sing N N 146 
ILE CG2 HG21 sing N N 147 
ILE CG2 HG22 sing N N 148 
ILE CG2 HG23 sing N N 149 
ILE CD1 HD11 sing N N 150 
ILE CD1 HD12 sing N N 151 
ILE CD1 HD13 sing N N 152 
ILE OXT HXT  sing N N 153 
LEU N   CA   sing N N 154 
LEU N   H    sing N N 155 
LEU N   H2   sing N N 156 
LEU CA  C    sing N N 157 
LEU CA  CB   sing N N 158 
LEU CA  HA   sing N N 159 
LEU C   O    doub N N 160 
LEU C   OXT  sing N N 161 
LEU CB  CG   sing N N 162 
LEU CB  HB2  sing N N 163 
LEU CB  HB3  sing N N 164 
LEU CG  CD1  sing N N 165 
LEU CG  CD2  sing N N 166 
LEU CG  HG   sing N N 167 
LEU CD1 HD11 sing N N 168 
LEU CD1 HD12 sing N N 169 
LEU CD1 HD13 sing N N 170 
LEU CD2 HD21 sing N N 171 
LEU CD2 HD22 sing N N 172 
LEU CD2 HD23 sing N N 173 
LEU OXT HXT  sing N N 174 
LYS N   CA   sing N N 175 
LYS N   H    sing N N 176 
LYS N   H2   sing N N 177 
LYS CA  C    sing N N 178 
LYS CA  CB   sing N N 179 
LYS CA  HA   sing N N 180 
LYS C   O    doub N N 181 
LYS C   OXT  sing N N 182 
LYS CB  CG   sing N N 183 
LYS CB  HB2  sing N N 184 
LYS CB  HB3  sing N N 185 
LYS CG  CD   sing N N 186 
LYS CG  HG2  sing N N 187 
LYS CG  HG3  sing N N 188 
LYS CD  CE   sing N N 189 
LYS CD  HD2  sing N N 190 
LYS CD  HD3  sing N N 191 
LYS CE  NZ   sing N N 192 
LYS CE  HE2  sing N N 193 
LYS CE  HE3  sing N N 194 
LYS NZ  HZ1  sing N N 195 
LYS NZ  HZ2  sing N N 196 
LYS NZ  HZ3  sing N N 197 
LYS OXT HXT  sing N N 198 
MET N   CA   sing N N 199 
MET N   H    sing N N 200 
MET N   H2   sing N N 201 
MET CA  C    sing N N 202 
MET CA  CB   sing N N 203 
MET CA  HA   sing N N 204 
MET C   O    doub N N 205 
MET C   OXT  sing N N 206 
MET CB  CG   sing N N 207 
MET CB  HB2  sing N N 208 
MET CB  HB3  sing N N 209 
MET CG  SD   sing N N 210 
MET CG  HG2  sing N N 211 
MET CG  HG3  sing N N 212 
MET SD  CE   sing N N 213 
MET CE  HE1  sing N N 214 
MET CE  HE2  sing N N 215 
MET CE  HE3  sing N N 216 
MET OXT HXT  sing N N 217 
PHE N   CA   sing N N 218 
PHE N   H    sing N N 219 
PHE N   H2   sing N N 220 
PHE CA  C    sing N N 221 
PHE CA  CB   sing N N 222 
PHE CA  HA   sing N N 223 
PHE C   O    doub N N 224 
PHE C   OXT  sing N N 225 
PHE CB  CG   sing N N 226 
PHE CB  HB2  sing N N 227 
PHE CB  HB3  sing N N 228 
PHE CG  CD1  doub Y N 229 
PHE CG  CD2  sing Y N 230 
PHE CD1 CE1  sing Y N 231 
PHE CD1 HD1  sing N N 232 
PHE CD2 CE2  doub Y N 233 
PHE CD2 HD2  sing N N 234 
PHE CE1 CZ   doub Y N 235 
PHE CE1 HE1  sing N N 236 
PHE CE2 CZ   sing Y N 237 
PHE CE2 HE2  sing N N 238 
PHE CZ  HZ   sing N N 239 
PHE OXT HXT  sing N N 240 
PRO N   CA   sing N N 241 
PRO N   CD   sing N N 242 
PRO N   H    sing N N 243 
PRO CA  C    sing N N 244 
PRO CA  CB   sing N N 245 
PRO CA  HA   sing N N 246 
PRO C   O    doub N N 247 
PRO C   OXT  sing N N 248 
PRO CB  CG   sing N N 249 
PRO CB  HB2  sing N N 250 
PRO CB  HB3  sing N N 251 
PRO CG  CD   sing N N 252 
PRO CG  HG2  sing N N 253 
PRO CG  HG3  sing N N 254 
PRO CD  HD2  sing N N 255 
PRO CD  HD3  sing N N 256 
PRO OXT HXT  sing N N 257 
SER N   CA   sing N N 258 
SER N   H    sing N N 259 
SER N   H2   sing N N 260 
SER CA  C    sing N N 261 
SER CA  CB   sing N N 262 
SER CA  HA   sing N N 263 
SER C   O    doub N N 264 
SER C   OXT  sing N N 265 
SER CB  OG   sing N N 266 
SER CB  HB2  sing N N 267 
SER CB  HB3  sing N N 268 
SER OG  HG   sing N N 269 
SER OXT HXT  sing N N 270 
SO4 S   O1   doub N N 271 
SO4 S   O2   doub N N 272 
SO4 S   O3   sing N N 273 
SO4 S   O4   sing N N 274 
TCE O16 C14  doub N N 275 
TCE C14 O15  sing N N 276 
TCE C14 C5   sing N N 277 
TCE O15 HO15 sing N N 278 
TCE C2  C5   sing N N 279 
TCE C5  H5   sing N N 280 
TCE C5  H5A  sing N N 281 
TCE C2  P    sing N N 282 
TCE C2  H2   sing N N 283 
TCE C2  H2A  sing N N 284 
TCE C1  P    sing N N 285 
TCE P   C3   sing N N 286 
TCE C3  C6   sing N N 287 
TCE C3  H3   sing N N 288 
TCE C3  H3A  sing N N 289 
TCE C6  C8   sing N N 290 
TCE C6  H6   sing N N 291 
TCE C6  H6A  sing N N 292 
TCE O10 C8   doub N N 293 
TCE C8  O9   sing N N 294 
TCE O9  HO9  sing N N 295 
TCE C4  C1   sing N N 296 
TCE C1  H1   sing N N 297 
TCE C1  H1A  sing N N 298 
TCE C11 C4   sing N N 299 
TCE C4  H4   sing N N 300 
TCE C4  H4A  sing N N 301 
TCE O13 C11  doub N N 302 
TCE O12 C11  sing N N 303 
TCE O12 HO12 sing N N 304 
THR N   CA   sing N N 305 
THR N   H    sing N N 306 
THR N   H2   sing N N 307 
THR CA  C    sing N N 308 
THR CA  CB   sing N N 309 
THR CA  HA   sing N N 310 
THR C   O    doub N N 311 
THR C   OXT  sing N N 312 
THR CB  OG1  sing N N 313 
THR CB  CG2  sing N N 314 
THR CB  HB   sing N N 315 
THR OG1 HG1  sing N N 316 
THR CG2 HG21 sing N N 317 
THR CG2 HG22 sing N N 318 
THR CG2 HG23 sing N N 319 
THR OXT HXT  sing N N 320 
TYR N   CA   sing N N 321 
TYR N   H    sing N N 322 
TYR N   H2   sing N N 323 
TYR CA  C    sing N N 324 
TYR CA  CB   sing N N 325 
TYR CA  HA   sing N N 326 
TYR C   O    doub N N 327 
TYR C   OXT  sing N N 328 
TYR CB  CG   sing N N 329 
TYR CB  HB2  sing N N 330 
TYR CB  HB3  sing N N 331 
TYR CG  CD1  doub Y N 332 
TYR CG  CD2  sing Y N 333 
TYR CD1 CE1  sing Y N 334 
TYR CD1 HD1  sing N N 335 
TYR CD2 CE2  doub Y N 336 
TYR CD2 HD2  sing N N 337 
TYR CE1 CZ   doub Y N 338 
TYR CE1 HE1  sing N N 339 
TYR CE2 CZ   sing Y N 340 
TYR CE2 HE2  sing N N 341 
TYR CZ  OH   sing N N 342 
TYR OH  HH   sing N N 343 
TYR OXT HXT  sing N N 344 
VAL N   CA   sing N N 345 
VAL N   H    sing N N 346 
VAL N   H2   sing N N 347 
VAL CA  C    sing N N 348 
VAL CA  CB   sing N N 349 
VAL CA  HA   sing N N 350 
VAL C   O    doub N N 351 
VAL C   OXT  sing N N 352 
VAL CB  CG1  sing N N 353 
VAL CB  CG2  sing N N 354 
VAL CB  HB   sing N N 355 
VAL CG1 HG11 sing N N 356 
VAL CG1 HG12 sing N N 357 
VAL CG1 HG13 sing N N 358 
VAL CG2 HG21 sing N N 359 
VAL CG2 HG22 sing N N 360 
VAL CG2 HG23 sing N N 361 
VAL OXT HXT  sing N N 362 
# 
_atom_sites.entry_id                    3IWL 
_atom_sites.fract_transf_matrix[1][1]   -0.00329435 
_atom_sites.fract_transf_matrix[1][2]   -0.00647416 
_atom_sites.fract_transf_matrix[1][3]   0.02008276 
_atom_sites.fract_transf_matrix[2][1]   -0.01971595 
_atom_sites.fract_transf_matrix[2][2]   -0.00499894 
_atom_sites.fract_transf_matrix[2][3]   0.00650927 
_atom_sites.fract_transf_matrix[3][1]   0.00265356 
_atom_sites.fract_transf_matrix[3][2]   -0.01706039 
_atom_sites.fract_transf_matrix[3][3]   -0.00506455 
_atom_sites.fract_transf_vector[1]      0.276089 
_atom_sites.fract_transf_vector[2]      -0.259167 
_atom_sites.fract_transf_vector[3]      -0.235718 
# 
loop_
_atom_type.symbol 
C  
N  
O  
P  
PT 
S  
# 
loop_
_atom_site.group_PDB 
_atom_site.id 
_atom_site.type_symbol 
_atom_site.label_atom_id 
_atom_site.label_alt_id 
_atom_site.label_comp_id 
_atom_site.label_asym_id 
_atom_site.label_entity_id 
_atom_site.label_seq_id 
_atom_site.pdbx_PDB_ins_code 
_atom_site.Cartn_x 
_atom_site.Cartn_y 
_atom_site.Cartn_z 
_atom_site.occupancy 
_atom_site.B_iso_or_equiv 
_atom_site.pdbx_formal_charge 
_atom_site.auth_seq_id 
_atom_site.auth_comp_id 
_atom_site.auth_asym_id 
_atom_site.auth_atom_id 
_atom_site.pdbx_PDB_model_num 
ATOM   1   N  N   . PRO A 1 2  ? 10.502  4.726   -8.762  1.00 23.87 ? 2   PRO A N   1 
ATOM   2   C  CA  . PRO A 1 2  ? 10.801  5.114   -7.379  1.00 22.27 ? 2   PRO A CA  1 
ATOM   3   C  C   . PRO A 1 2  ? 10.266  4.088   -6.392  1.00 20.99 ? 2   PRO A C   1 
ATOM   4   O  O   . PRO A 1 2  ? 9.389   3.292   -6.739  1.00 20.53 ? 2   PRO A O   1 
ATOM   5   C  CB  . PRO A 1 2  ? 10.037  6.427   -7.216  1.00 22.83 ? 2   PRO A CB  1 
ATOM   6   C  CG  . PRO A 1 2  ? 9.987   6.991   -8.602  1.00 24.16 ? 2   PRO A CG  1 
ATOM   7   C  CD  . PRO A 1 2  ? 9.875   5.817   -9.522  1.00 24.20 ? 2   PRO A CD  1 
ATOM   8   N  N   . LYS A 1 3  ? 10.794  4.128   -5.176  1.00 19.28 ? 3   LYS A N   1 
ATOM   9   C  CA  . LYS A 1 3  ? 10.349  3.259   -4.097  1.00 18.70 ? 3   LYS A CA  1 
ATOM   10  C  C   . LYS A 1 3  ? 9.684   4.127   -3.040  1.00 17.61 ? 3   LYS A C   1 
ATOM   11  O  O   . LYS A 1 3  ? 10.325  5.012   -2.465  1.00 17.90 ? 3   LYS A O   1 
ATOM   12  C  CB  . LYS A 1 3  ? 11.528  2.512   -3.464  1.00 19.55 ? 3   LYS A CB  1 
ATOM   13  C  CG  . LYS A 1 3  ? 12.019  1.285   -4.237  1.00 23.72 ? 3   LYS A CG  1 
ATOM   14  C  CD  . LYS A 1 3  ? 13.273  0.706   -3.580  1.00 28.24 ? 3   LYS A CD  1 
ATOM   15  C  CE  . LYS A 1 3  ? 13.885  -0.408  -4.419  1.00 31.40 ? 3   LYS A CE  1 
ATOM   16  N  NZ  . LYS A 1 3  ? 15.378  -0.416  -4.349  1.00 33.59 ? 3   LYS A NZ  1 
ATOM   17  N  N   . HIS A 1 4  ? 8.396   3.899   -2.828  1.00 16.34 ? 4   HIS A N   1 
ATOM   18  C  CA  . HIS A 1 4  ? 7.580   4.678   -1.878  1.00 16.23 ? 4   HIS A CA  1 
ATOM   19  C  C   . HIS A 1 4  ? 7.199   3.839   -0.668  1.00 16.48 ? 4   HIS A C   1 
ATOM   20  O  O   . HIS A 1 4  ? 6.874   2.661   -0.819  1.00 17.72 ? 4   HIS A O   1 
ATOM   21  C  CB  . HIS A 1 4  ? 6.290   5.100   -2.562  1.00 16.19 ? 4   HIS A CB  1 
ATOM   22  C  CG  . HIS A 1 4  ? 6.493   6.013   -3.726  1.00 17.18 ? 4   HIS A CG  1 
ATOM   23  N  ND1 . HIS A 1 4  ? 6.806   7.346   -3.573  1.00 16.89 ? 4   HIS A ND1 1 
ATOM   24  C  CD2 . HIS A 1 4  ? 6.406   5.794   -5.060  1.00 17.84 ? 4   HIS A CD2 1 
ATOM   25  C  CE1 . HIS A 1 4  ? 6.906   7.908   -4.764  1.00 18.62 ? 4   HIS A CE1 1 
ATOM   26  N  NE2 . HIS A 1 4  ? 6.670   6.987   -5.682  1.00 19.63 ? 4   HIS A NE2 1 
ATOM   27  N  N   . GLU A 1 5  ? 7.225   4.439   0.521   1.00 14.45 ? 5   GLU A N   1 
ATOM   28  C  CA  . GLU A 1 5  ? 6.750   3.774   1.719   1.00 14.58 ? 5   GLU A CA  1 
ATOM   29  C  C   . GLU A 1 5  ? 5.495   4.451   2.245   1.00 13.18 ? 5   GLU A C   1 
ATOM   30  O  O   . GLU A 1 5  ? 5.404   5.696   2.280   1.00 13.45 ? 5   GLU A O   1 
ATOM   31  C  CB  . GLU A 1 5  ? 7.823   3.722   2.811   1.00 15.40 ? 5   GLU A CB  1 
ATOM   32  C  CG  . GLU A 1 5  ? 7.365   2.851   3.993   1.00 20.18 ? 5   GLU A CG  1 
ATOM   33  C  CD  . GLU A 1 5  ? 8.424   2.608   5.060   1.00 27.88 ? 5   GLU A CD  1 
ATOM   34  O  OE1 . GLU A 1 5  ? 9.305   3.471   5.257   1.00 31.25 ? 5   GLU A OE1 1 
ATOM   35  O  OE2 . GLU A 1 5  ? 8.356   1.545   5.726   1.00 31.10 ? 5   GLU A OE2 1 
ATOM   36  N  N   . PHE A 1 6  ? 4.526   3.626   2.651   1.00 12.64 ? 6   PHE A N   1 
ATOM   37  C  CA  . PHE A 1 6  ? 3.275   4.115   3.215   1.00 12.63 ? 6   PHE A CA  1 
ATOM   38  C  C   . PHE A 1 6  ? 2.997   3.487   4.574   1.00 12.83 ? 6   PHE A C   1 
ATOM   39  O  O   . PHE A 1 6  ? 3.371   2.330   4.827   1.00 13.53 ? 6   PHE A O   1 
ATOM   40  C  CB  . PHE A 1 6  ? 2.107   3.759   2.290   1.00 12.61 ? 6   PHE A CB  1 
ATOM   41  C  CG  . PHE A 1 6  ? 2.125   4.500   0.984   1.00 12.98 ? 6   PHE A CG  1 
ATOM   42  C  CD1 . PHE A 1 6  ? 2.818   3.992   -0.115  1.00 13.14 ? 6   PHE A CD1 1 
ATOM   43  C  CD2 . PHE A 1 6  ? 1.453   5.716   0.859   1.00 13.09 ? 6   PHE A CD2 1 
ATOM   44  C  CE1 . PHE A 1 6  ? 2.824   4.707   -1.332  1.00 12.21 ? 6   PHE A CE1 1 
ATOM   45  C  CE2 . PHE A 1 6  ? 1.454   6.409   -0.337  1.00 12.92 ? 6   PHE A CE2 1 
ATOM   46  C  CZ  . PHE A 1 6  ? 2.160   5.900   -1.434  1.00 12.07 ? 6   PHE A CZ  1 
ATOM   47  N  N   . SER A 1 7  ? 2.340   4.249   5.446   1.00 13.33 ? 7   SER A N   1 
ATOM   48  C  CA  . SER A 1 7  ? 1.752   3.704   6.669   1.00 14.59 ? 7   SER A CA  1 
ATOM   49  C  C   . SER A 1 7  ? 0.318   3.333   6.314   1.00 14.05 ? 7   SER A C   1 
ATOM   50  O  O   . SER A 1 7  ? -0.393  4.149   5.742   1.00 14.92 ? 7   SER A O   1 
ATOM   51  C  CB  . SER A 1 7  ? 1.756   4.779   7.769   1.00 15.66 ? 7   SER A CB  1 
ATOM   52  O  OG  . SER A 1 7  ? 1.002   4.385   8.891   1.00 21.88 ? 7   SER A OG  1 
ATOM   53  N  N   . VAL A 1 8  ? -0.101  2.104   6.623   1.00 13.88 ? 8   VAL A N   1 
ATOM   54  C  CA  . VAL A 1 8  ? -1.468  1.654   6.323   1.00 13.92 ? 8   VAL A CA  1 
ATOM   55  C  C   . VAL A 1 8  ? -1.994  0.941   7.555   1.00 14.96 ? 8   VAL A C   1 
ATOM   56  O  O   . VAL A 1 8  ? -1.359  0.010   8.035   1.00 14.40 ? 8   VAL A O   1 
ATOM   57  C  CB  . VAL A 1 8  ? -1.520  0.696   5.111   1.00 14.05 ? 8   VAL A CB  1 
ATOM   58  C  CG1 . VAL A 1 8  ? -2.966  0.332   4.784   1.00 13.69 ? 8   VAL A CG1 1 
ATOM   59  C  CG2 . VAL A 1 8  ? -0.853  1.318   3.892   1.00 13.74 ? 8   VAL A CG2 1 
ATOM   60  N  N   . ASP A 1 9  ? -3.154  1.370   8.051   1.00 15.34 ? 9   ASP A N   1 
ATOM   61  C  CA  . ASP A 1 9  ? -3.681  0.867   9.322   1.00 17.04 ? 9   ASP A CA  1 
ATOM   62  C  C   . ASP A 1 9  ? -4.307  -0.513  9.187   1.00 17.41 ? 9   ASP A C   1 
ATOM   63  O  O   . ASP A 1 9  ? -5.538  -0.659  9.229   1.00 18.28 ? 9   ASP A O   1 
ATOM   64  C  CB  . ASP A 1 9  ? -4.711  1.856   9.888   1.00 17.39 ? 9   ASP A CB  1 
ATOM   65  C  CG  . ASP A 1 9  ? -5.180  1.480   11.293  1.00 20.81 ? 9   ASP A CG  1 
ATOM   66  O  OD1 . ASP A 1 9  ? -4.455  0.768   12.027  1.00 22.57 ? 9   ASP A OD1 1 
ATOM   67  O  OD2 . ASP A 1 9  ? -6.289  1.920   11.670  1.00 24.65 ? 9   ASP A OD2 1 
ATOM   68  N  N   . MET A 1 10 ? -3.450  -1.514  9.011   1.00 17.12 ? 10  MET A N   1 
ATOM   69  C  CA  . MET A 1 10 ? -3.875  -2.899  8.853   1.00 17.15 ? 10  MET A CA  1 
ATOM   70  C  C   . MET A 1 10 ? -3.952  -3.545  10.214  1.00 17.95 ? 10  MET A C   1 
ATOM   71  O  O   . MET A 1 10 ? -3.025  -3.424  11.021  1.00 18.31 ? 10  MET A O   1 
ATOM   72  C  CB  . MET A 1 10 ? -2.869  -3.677  8.000   1.00 16.84 ? 10  MET A CB  1 
ATOM   73  C  CG  . MET A 1 10 ? -2.740  -3.178  6.578   1.00 16.39 ? 10  MET A CG  1 
ATOM   74  S  SD  . MET A 1 10 ? -1.332  -3.929  5.738   1.00 15.83 ? 10  MET A SD  1 
ATOM   75  C  CE  . MET A 1 10 ? 0.044   -3.171  6.568   1.00 13.97 ? 10  MET A CE  1 
ATOM   76  N  N   . THR A 1 11 ? -5.047  -4.252  10.455  1.00 18.49 ? 11  THR A N   1 
ATOM   77  C  CA  . THR A 1 11 ? -5.190  -4.988  11.686  1.00 19.50 ? 11  THR A CA  1 
ATOM   78  C  C   . THR A 1 11 ? -4.687  -6.426  11.569  1.00 19.51 ? 11  THR A C   1 
ATOM   79  O  O   . THR A 1 11 ? -3.793  -6.820  12.317  1.00 21.70 ? 11  THR A O   1 
ATOM   80  C  CB  . THR A 1 11 ? -6.625  -4.869  12.235  1.00 18.86 ? 11  THR A CB  1 
ATOM   81  O  OG1 . THR A 1 11 ? -6.833  -3.514  12.675  1.00 20.80 ? 11  THR A OG1 1 
ATOM   82  C  CG2 . THR A 1 11 ? -6.827  -5.804  13.427  1.00 20.99 ? 11  THR A CG2 1 
ATOM   83  N  N   . CYS A 1 12 ? -5.236  -7.207  10.644  1.00 20.37 ? 12  CYS A N   1 
ATOM   84  C  CA  . CYS A 1 12 ? -4.789  -8.597  10.581  1.00 19.67 ? 12  CYS A CA  1 
ATOM   85  C  C   . CYS A 1 12 ? -4.584  -9.147  9.157   1.00 19.38 ? 12  CYS A C   1 
ATOM   86  O  O   . CYS A 1 12 ? -4.403  -8.377  8.194   1.00 18.55 ? 12  CYS A O   1 
ATOM   87  C  CB  . CYS A 1 12 ? -5.734  -9.461  11.421  1.00 19.52 ? 12  CYS A CB  1 
ATOM   88  S  SG  . CYS A 1 12 ? -7.480  -9.157  11.076  1.00 22.40 ? 12  CYS A SG  1 
ATOM   89  N  N   . GLY A 1 13 ? -4.595  -10.472 9.022   1.00 19.19 ? 13  GLY A N   1 
ATOM   90  C  CA  . GLY A 1 13 ? -4.385  -11.113 7.716   1.00 17.92 ? 13  GLY A CA  1 
ATOM   91  C  C   . GLY A 1 13 ? -5.308  -10.605 6.625   1.00 17.73 ? 13  GLY A C   1 
ATOM   92  O  O   . GLY A 1 13 ? -4.868  -10.337 5.509   1.00 17.03 ? 13  GLY A O   1 
ATOM   93  N  N   . GLY A 1 14 ? -6.595  -10.444 6.938   1.00 16.88 ? 14  GLY A N   1 
ATOM   94  C  CA  . GLY A 1 14 ? -7.544  -9.934  5.969   1.00 16.01 ? 14  GLY A CA  1 
ATOM   95  C  C   . GLY A 1 14 ? -7.226  -8.522  5.495   1.00 15.52 ? 14  GLY A C   1 
ATOM   96  O  O   . GLY A 1 14 ? -7.515  -8.186  4.353   1.00 16.39 ? 14  GLY A O   1 
ATOM   97  N  N   . CYS A 1 15 ? -6.638  -7.703  6.375   1.00 15.11 ? 15  CYS A N   1 
ATOM   98  C  CA  . CYS A 1 15 ? -6.240  -6.342  6.008   1.00 15.06 ? 15  CYS A CA  1 
ATOM   99  C  C   . CYS A 1 15 ? -5.047  -6.388  5.067   1.00 14.38 ? 15  CYS A C   1 
ATOM   100 O  O   . CYS A 1 15 ? -5.010  -5.621  4.106   1.00 14.45 ? 15  CYS A O   1 
ATOM   101 C  CB  . CYS A 1 15 ? -5.882  -5.486  7.214   1.00 15.10 ? 15  CYS A CB  1 
ATOM   102 S  SG  . CYS A 1 15 ? -7.262  -5.333  8.452   1.00 18.26 ? 15  CYS A SG  1 
ATOM   103 N  N   . ALA A 1 16 ? -4.076  -7.258  5.364   1.00 14.68 ? 16  ALA A N   1 
ATOM   104 C  CA  . ALA A 1 16 ? -2.916  -7.444  4.472   1.00 13.24 ? 16  ALA A CA  1 
ATOM   105 C  C   . ALA A 1 16 ? -3.378  -7.947  3.093   1.00 13.99 ? 16  ALA A C   1 
ATOM   106 O  O   . ALA A 1 16 ? -2.910  -7.455  2.051   1.00 13.32 ? 16  ALA A O   1 
ATOM   107 C  CB  . ALA A 1 16 ? -1.888  -8.404  5.100   1.00 13.34 ? 16  ALA A CB  1 
ATOM   108 N  N   . GLU A 1 17 ? -4.312  -8.900  3.081   1.00 13.70 ? 17  GLU A N   1 
ATOM   109 C  CA  . GLU A 1 17 ? -4.918  -9.355  1.828   1.00 14.62 ? 17  GLU A CA  1 
ATOM   110 C  C   . GLU A 1 17 ? -5.614  -8.237  1.068   1.00 14.54 ? 17  GLU A C   1 
ATOM   111 O  O   . GLU A 1 17 ? -5.531  -8.191  -0.165  1.00 14.67 ? 17  GLU A O   1 
ATOM   112 C  CB  . GLU A 1 17 ? -5.892  -10.520 2.058   1.00 14.61 ? 17  GLU A CB  1 
ATOM   113 C  CG  . GLU A 1 17 ? -5.213  -11.805 2.515   1.00 16.73 ? 17  GLU A CG  1 
ATOM   114 C  CD  . GLU A 1 17 ? -6.174  -12.972 2.655   1.00 23.42 ? 17  GLU A CD  1 
ATOM   115 O  OE1 . GLU A 1 17 ? -7.272  -12.921 2.053   1.00 25.91 ? 17  GLU A OE1 1 
ATOM   116 O  OE2 . GLU A 1 17 ? -5.817  -13.946 3.350   1.00 24.00 ? 17  GLU A OE2 1 
ATOM   117 N  N   . ALA A 1 18 ? -6.326  -7.352  1.785   1.00 14.13 ? 18  ALA A N   1 
ATOM   118 C  CA  . ALA A 1 18 ? -7.047  -6.260  1.119   1.00 13.81 ? 18  ALA A CA  1 
ATOM   119 C  C   . ALA A 1 18 ? -6.073  -5.334  0.423   1.00 13.62 ? 18  ALA A C   1 
ATOM   120 O  O   . ALA A 1 18 ? -6.310  -4.925  -0.715  1.00 14.03 ? 18  ALA A O   1 
ATOM   121 C  CB  . ALA A 1 18 ? -7.921  -5.488  2.096   1.00 14.29 ? 18  ALA A CB  1 
ATOM   122 N  N   . VAL A 1 19 ? -4.974  -5.015  1.091   1.00 12.77 ? 19  VAL A N   1 
ATOM   123 C  CA  . VAL A 1 19 ? -3.913  -4.192  0.466   1.00 12.53 ? 19  VAL A CA  1 
ATOM   124 C  C   . VAL A 1 19 ? -3.357  -4.885  -0.781  1.00 12.38 ? 19  VAL A C   1 
ATOM   125 O  O   . VAL A 1 19 ? -3.190  -4.271  -1.839  1.00 12.66 ? 19  VAL A O   1 
ATOM   126 C  CB  . VAL A 1 19 ? -2.784  -3.864  1.487   1.00 12.78 ? 19  VAL A CB  1 
ATOM   127 C  CG1 . VAL A 1 19 ? -1.556  -3.229  0.799   1.00 13.72 ? 19  VAL A CG1 1 
ATOM   128 C  CG2 . VAL A 1 19 ? -3.320  -2.936  2.583   1.00 14.12 ? 19  VAL A CG2 1 
ATOM   129 N  N   . SER A 1 20 ? -3.072  -6.174  -0.664  1.00 12.38 ? 20  SER A N   1 
ATOM   130 C  CA  . SER A 1 20 ? -2.549  -6.906  -1.806  1.00 12.38 ? 20  SER A CA  1 
ATOM   131 C  C   . SER A 1 20 ? -3.539  -6.892  -2.963  1.00 13.42 ? 20  SER A C   1 
ATOM   132 O  O   . SER A 1 20 ? -3.149  -6.682  -4.100  1.00 13.88 ? 20  SER A O   1 
ATOM   133 C  CB  . SER A 1 20 ? -2.248  -8.341  -1.408  1.00 12.95 ? 20  SER A CB  1 
ATOM   134 O  OG  . SER A 1 20 ? -1.899  -9.092  -2.547  1.00 12.91 ? 20  SER A OG  1 
ATOM   135 N  N   . ARG A 1 21 ? -4.822  -7.072  -2.665  1.00 13.76 ? 21  ARG A N   1 
ATOM   136 C  CA  . ARG A 1 21 ? -5.853  -7.088  -3.714  1.00 14.13 ? 21  ARG A CA  1 
ATOM   137 C  C   . ARG A 1 21 ? -5.933  -5.768  -4.475  1.00 13.83 ? 21  ARG A C   1 
ATOM   138 O  O   . ARG A 1 21 ? -5.987  -5.779  -5.702  1.00 14.48 ? 21  ARG A O   1 
ATOM   139 C  CB  . ARG A 1 21 ? -7.236  -7.444  -3.142  1.00 15.27 ? 21  ARG A CB  1 
ATOM   140 C  CG  . ARG A 1 21 ? -7.388  -8.907  -2.781  1.00 19.54 ? 21  ARG A CG  1 
ATOM   141 C  CD  . ARG A 1 21 ? -8.848  -9.248  -2.471  1.00 25.14 ? 21  ARG A CD  1 
ATOM   142 N  NE  . ARG A 1 21 ? -8.932  -10.499 -1.722  1.00 30.62 ? 21  ARG A NE  1 
ATOM   143 C  CZ  . ARG A 1 21 ? -8.909  -10.573 -0.388  1.00 33.75 ? 21  ARG A CZ  1 
ATOM   144 N  NH1 . ARG A 1 21 ? -8.813  -9.468  0.344   1.00 35.68 ? 21  ARG A NH1 1 
ATOM   145 N  NH2 . ARG A 1 21 ? -8.977  -11.751 0.222   1.00 33.91 ? 21  ARG A NH2 1 
ATOM   146 N  N   . VAL A 1 22 ? -5.937  -4.640  -3.765  1.00 13.05 ? 22  VAL A N   1 
ATOM   147 C  CA  . VAL A 1 22 ? -6.035  -3.344  -4.465  1.00 13.18 ? 22  VAL A CA  1 
ATOM   148 C  C   . VAL A 1 22 ? -4.797  -3.063  -5.310  1.00 12.73 ? 22  VAL A C   1 
ATOM   149 O  O   . VAL A 1 22 ? -4.904  -2.526  -6.414  1.00 12.90 ? 22  VAL A O   1 
ATOM   150 C  CB  . VAL A 1 22 ? -6.403  -2.138  -3.536  1.00 13.45 ? 22  VAL A CB  1 
ATOM   151 C  CG1 . VAL A 1 22 ? -7.758  -2.387  -2.873  1.00 14.68 ? 22  VAL A CG1 1 
ATOM   152 C  CG2 . VAL A 1 22 ? -5.336  -1.844  -2.495  1.00 14.18 ? 22  VAL A CG2 1 
ATOM   153 N  N   . LEU A 1 23 ? -3.632  -3.458  -4.806  1.00 12.09 ? 23  LEU A N   1 
ATOM   154 C  CA  . LEU A 1 23 ? -2.396  -3.261  -5.556  1.00 12.37 ? 23  LEU A CA  1 
ATOM   155 C  C   . LEU A 1 23 ? -2.312  -4.189  -6.766  1.00 12.60 ? 23  LEU A C   1 
ATOM   156 O  O   . LEU A 1 23 ? -1.872  -3.764  -7.832  1.00 12.72 ? 23  LEU A O   1 
ATOM   157 C  CB  . LEU A 1 23 ? -1.166  -3.404  -4.652  1.00 12.02 ? 23  LEU A CB  1 
ATOM   158 C  CG  . LEU A 1 23 ? -1.036  -2.336  -3.566  1.00 12.79 ? 23  LEU A CG  1 
ATOM   159 C  CD1 . LEU A 1 23 ? 0.131   -2.689  -2.658  1.00 12.47 ? 23  LEU A CD1 1 
ATOM   160 C  CD2 . LEU A 1 23 ? -0.890  -0.920  -4.129  1.00 13.45 ? 23  LEU A CD2 1 
ATOM   161 N  N   . ASN A 1 24 ? -2.736  -5.440  -6.602  1.00 13.22 ? 24  ASN A N   1 
ATOM   162 C  CA  . ASN A 1 24 ? -2.775  -6.391  -7.726  1.00 13.81 ? 24  ASN A CA  1 
ATOM   163 C  C   . ASN A 1 24 ? -3.696  -5.874  -8.826  1.00 14.52 ? 24  ASN A C   1 
ATOM   164 O  O   . ASN A 1 24 ? -3.381  -5.986  -10.020 1.00 15.37 ? 24  ASN A O   1 
ATOM   165 C  CB  . ASN A 1 24 ? -3.259  -7.775  -7.264  1.00 13.75 ? 24  ASN A CB  1 
ATOM   166 C  CG  . ASN A 1 24 ? -2.217  -8.540  -6.455  1.00 15.29 ? 24  ASN A CG  1 
ATOM   167 O  OD1 . ASN A 1 24 ? -2.529  -9.599  -5.886  1.00 19.83 ? 24  ASN A OD1 1 
ATOM   168 N  ND2 . ASN A 1 24 ? -0.994  -8.036  -6.409  1.00 13.44 ? 24  ASN A ND2 1 
ATOM   169 N  N   . LYS A 1 25 ? -4.842  -5.319  -8.428  1.00 14.87 ? 25  LYS A N   1 
ATOM   170 C  CA  . LYS A 1 25 ? -5.793  -4.779  -9.417  1.00 15.86 ? 25  LYS A CA  1 
ATOM   171 C  C   . LYS A 1 25 ? -5.229  -3.575  -10.168 1.00 15.70 ? 25  LYS A C   1 
ATOM   172 O  O   . LYS A 1 25 ? -5.408  -3.425  -11.388 1.00 16.41 ? 25  LYS A O   1 
ATOM   173 C  CB  . LYS A 1 25 ? -7.113  -4.411  -8.740  1.00 16.07 ? 25  LYS A CB  1 
ATOM   174 C  CG  . LYS A 1 25 ? -8.162  -3.790  -9.658  1.00 21.12 ? 25  LYS A CG  1 
ATOM   175 C  CD  . LYS A 1 25 ? -8.674  -4.758  -10.708 1.00 27.54 ? 25  LYS A CD  1 
ATOM   176 C  CE  . LYS A 1 25 ? -9.656  -4.053  -11.648 1.00 31.77 ? 25  LYS A CE  1 
ATOM   177 N  NZ  . LYS A 1 25 ? -10.183 -4.978  -12.688 1.00 34.76 ? 25  LYS A NZ  1 
ATOM   178 N  N   . LEU A 1 26 ? -4.538  -2.702  -9.446  1.00 15.26 ? 26  LEU A N   1 
ATOM   179 C  CA  . LEU A 1 26 ? -3.884  -1.566  -10.084 1.00 14.95 ? 26  LEU A CA  1 
ATOM   180 C  C   . LEU A 1 26 ? -2.853  -2.033  -11.121 1.00 15.56 ? 26  LEU A C   1 
ATOM   181 O  O   . LEU A 1 26 ? -2.814  -1.516  -12.246 1.00 15.72 ? 26  LEU A O   1 
ATOM   182 C  CB  . LEU A 1 26 ? -3.216  -0.679  -9.024  1.00 14.46 ? 26  LEU A CB  1 
ATOM   183 C  CG  . LEU A 1 26 ? -2.426  0.526   -9.572  1.00 14.38 ? 26  LEU A CG  1 
ATOM   184 C  CD1 . LEU A 1 26 ? -3.334  1.524   -10.259 1.00 15.95 ? 26  LEU A CD1 1 
ATOM   185 C  CD2 . LEU A 1 26 ? -1.644  1.186   -8.448  1.00 11.79 ? 26  LEU A CD2 1 
ATOM   186 N  N   . GLY A 1 27 ? -2.029  -3.004  -10.731 1.00 15.24 ? 27  GLY A N   1 
ATOM   187 C  CA  . GLY A 1 27 ? -0.963  -3.528  -11.580 1.00 15.73 ? 27  GLY A CA  1 
ATOM   188 C  C   . GLY A 1 27 ? 0.266   -2.646  -11.627 1.00 14.97 ? 27  GLY A C   1 
ATOM   189 O  O   . GLY A 1 27 ? 0.257   -1.521  -11.157 1.00 15.26 ? 27  GLY A O   1 
ATOM   190 N  N   . GLY A 1 28 ? 1.346   -3.181  -12.192 1.00 15.67 ? 28  GLY A N   1 
ATOM   191 C  CA  . GLY A 1 28 ? 2.567   -2.415  -12.391 1.00 15.95 ? 28  GLY A CA  1 
ATOM   192 C  C   . GLY A 1 28 ? 3.215   -1.997  -11.086 1.00 15.87 ? 28  GLY A C   1 
ATOM   193 O  O   . GLY A 1 28 ? 3.741   -0.895  -10.972 1.00 16.47 ? 28  GLY A O   1 
ATOM   194 N  N   . VAL A 1 29 ? 3.126   -2.887  -10.100 1.00 16.04 ? 29  VAL A N   1 
ATOM   195 C  CA  . VAL A 1 29 ? 3.709   -2.630  -8.774  1.00 16.35 ? 29  VAL A CA  1 
ATOM   196 C  C   . VAL A 1 29 ? 4.520   -3.818  -8.265  1.00 16.67 ? 29  VAL A C   1 
ATOM   197 O  O   . VAL A 1 29 ? 4.166   -4.987  -8.490  1.00 17.87 ? 29  VAL A O   1 
ATOM   198 C  CB  . VAL A 1 29 ? 2.614   -2.289  -7.722  1.00 16.06 ? 29  VAL A CB  1 
ATOM   199 C  CG1 . VAL A 1 29 ? 2.012   -0.908  -7.984  1.00 17.32 ? 29  VAL A CG1 1 
ATOM   200 C  CG2 . VAL A 1 29 ? 1.536   -3.369  -7.683  1.00 16.54 ? 29  VAL A CG2 1 
ATOM   201 N  N   . LYS A 1 30 ? 5.608   -3.509  -7.564  1.00 15.80 ? 30  LYS A N   1 
ATOM   202 C  CA  . LYS A 1 30 ? 6.363   -4.500  -6.842  1.00 16.07 ? 30  LYS A CA  1 
ATOM   203 C  C   . LYS A 1 30 ? 6.261   -4.058  -5.392  1.00 15.28 ? 30  LYS A C   1 
ATOM   204 O  O   . LYS A 1 30 ? 6.800   -3.015  -5.037  1.00 16.33 ? 30  LYS A O   1 
ATOM   205 C  CB  . LYS A 1 30 ? 7.817   -4.455  -7.309  1.00 16.83 ? 30  LYS A CB  1 
ATOM   206 C  CG  . LYS A 1 30 ? 8.710   -5.444  -6.633  1.00 20.60 ? 30  LYS A CG  1 
ATOM   207 C  CD  . LYS A 1 30 ? 10.128  -5.375  -7.212  1.00 25.22 ? 30  LYS A CD  1 
ATOM   208 C  CE  . LYS A 1 30 ? 11.147  -5.969  -6.240  1.00 29.87 ? 30  LYS A CE  1 
ATOM   209 N  NZ  . LYS A 1 30 ? 12.542  -5.922  -6.791  1.00 33.87 ? 30  LYS A NZ  1 
ATOM   210 N  N   . TYR A 1 31 ? 5.590   -4.839  -4.552  1.00 14.28 ? 31  TYR A N   1 
ATOM   211 C  CA  . TYR A 1 31 ? 5.341   -4.372  -3.187  1.00 13.22 ? 31  TYR A CA  1 
ATOM   212 C  C   . TYR A 1 31 ? 5.698   -5.389  -2.115  1.00 13.46 ? 31  TYR A C   1 
ATOM   213 O  O   . TYR A 1 31 ? 5.808   -6.599  -2.359  1.00 13.56 ? 31  TYR A O   1 
ATOM   214 C  CB  . TYR A 1 31 ? 3.875   -3.936  -3.008  1.00 12.96 ? 31  TYR A CB  1 
ATOM   215 C  CG  . TYR A 1 31 ? 2.866   -5.041  -3.268  1.00 11.68 ? 31  TYR A CG  1 
ATOM   216 C  CD1 . TYR A 1 31 ? 2.465   -5.911  -2.239  1.00 12.56 ? 31  TYR A CD1 1 
ATOM   217 C  CD2 . TYR A 1 31 ? 2.319   -5.227  -4.538  1.00 13.29 ? 31  TYR A CD2 1 
ATOM   218 C  CE1 . TYR A 1 31 ? 1.548   -6.945  -2.488  1.00 12.10 ? 31  TYR A CE1 1 
ATOM   219 C  CE2 . TYR A 1 31 ? 1.401   -6.239  -4.783  1.00 13.23 ? 31  TYR A CE2 1 
ATOM   220 C  CZ  . TYR A 1 31 ? 1.019   -7.094  -3.750  1.00 12.05 ? 31  TYR A CZ  1 
ATOM   221 O  OH  . TYR A 1 31 ? 0.121   -8.111  -4.001  1.00 13.11 ? 31  TYR A OH  1 
ATOM   222 N  N   . ASP A 1 32 ? 5.884   -4.884  -0.905  1.00 13.24 ? 32  ASP A N   1 
ATOM   223 C  CA  . ASP A 1 32 ? 5.954   -5.790  0.203   1.00 15.64 ? 32  ASP A CA  1 
ATOM   224 C  C   . ASP A 1 32 ? 5.244   -5.182  1.408   1.00 14.96 ? 32  ASP A C   1 
ATOM   225 O  O   . ASP A 1 32 ? 5.310   -3.970  1.663   1.00 15.22 ? 32  ASP A O   1 
ATOM   226 C  CB  . ASP A 1 32 ? 7.384   -6.218  0.465   1.00 18.28 ? 32  ASP A CB  1 
ATOM   227 C  CG  . ASP A 1 32 ? 8.092   -5.295  1.334   1.00 22.18 ? 32  ASP A CG  1 
ATOM   228 O  OD1 . ASP A 1 32 ? 8.125   -5.572  2.564   1.00 27.29 ? 32  ASP A OD1 1 
ATOM   229 O  OD2 . ASP A 1 32 ? 8.597   -4.286  0.805   1.00 30.04 ? 32  ASP A OD2 1 
ATOM   230 N  N   . ILE A 1 33 ? 4.531   -6.053  2.107   1.00 14.11 ? 33  ILE A N   1 
ATOM   231 C  CA  . ILE A 1 33 ? 3.618   -5.647  3.161   1.00 13.72 ? 33  ILE A CA  1 
ATOM   232 C  C   . ILE A 1 33 ? 4.173   -6.135  4.494   1.00 14.34 ? 33  ILE A C   1 
ATOM   233 O  O   . ILE A 1 33 ? 4.441   -7.334  4.656   1.00 14.51 ? 33  ILE A O   1 
ATOM   234 C  CB  . ILE A 1 33 ? 2.216   -6.244  2.893   1.00 12.94 ? 33  ILE A CB  1 
ATOM   235 C  CG1 . ILE A 1 33 ? 1.584   -5.620  1.642   1.00 13.54 ? 33  ILE A CG1 1 
ATOM   236 C  CG2 . ILE A 1 33 ? 1.293   -6.060  4.120   1.00 13.79 ? 33  ILE A CG2 1 
ATOM   237 C  CD1 . ILE A 1 33 ? 0.447   -6.468  1.022   1.00 12.40 ? 33  ILE A CD1 1 
ATOM   238 N  N   . ASP A 1 34 ? 4.364   -5.193  5.427   1.00 14.31 ? 34  ASP A N   1 
ATOM   239 C  CA  . ASP A 1 34 ? 4.819   -5.491  6.783   1.00 16.13 ? 34  ASP A CA  1 
ATOM   240 C  C   . ASP A 1 34 ? 3.633   -5.292  7.708   1.00 16.20 ? 34  ASP A C   1 
ATOM   241 O  O   . ASP A 1 34 ? 3.362   -4.179  8.179   1.00 16.91 ? 34  ASP A O   1 
ATOM   242 C  CB  . ASP A 1 34 ? 5.986   -4.570  7.165   1.00 17.04 ? 34  ASP A CB  1 
ATOM   243 C  CG  . ASP A 1 34 ? 6.528   -4.843  8.565   1.00 20.79 ? 34  ASP A CG  1 
ATOM   244 O  OD1 . ASP A 1 34 ? 5.884   -5.573  9.350   1.00 24.38 ? 34  ASP A OD1 1 
ATOM   245 O  OD2 . ASP A 1 34 ? 7.596   -4.285  8.892   1.00 22.10 ? 34  ASP A OD2 1 
ATOM   246 N  N   . LEU A 1 35 ? 2.894   -6.372  7.942   1.00 16.11 ? 35  LEU A N   1 
ATOM   247 C  CA  . LEU A 1 35 ? 1.663   -6.295  8.714   1.00 16.23 ? 35  LEU A CA  1 
ATOM   248 C  C   . LEU A 1 35 ? 1.890   -5.844  10.171  1.00 17.04 ? 35  LEU A C   1 
ATOM   249 O  O   . LEU A 1 35 ? 1.196   -4.923  10.644  1.00 17.27 ? 35  LEU A O   1 
ATOM   250 C  CB  . LEU A 1 35 ? 0.897   -7.628  8.646   1.00 15.87 ? 35  LEU A CB  1 
ATOM   251 C  CG  . LEU A 1 35 ? -0.324  -7.771  9.569   1.00 16.41 ? 35  LEU A CG  1 
ATOM   252 C  CD1 . LEU A 1 35 ? -1.385  -6.715  9.280   1.00 17.93 ? 35  LEU A CD1 1 
ATOM   253 C  CD2 . LEU A 1 35 ? -0.914  -9.182  9.430   1.00 16.89 ? 35  LEU A CD2 1 
ATOM   254 N  N   . PRO A 1 36 ? 2.844   -6.475  10.881  1.00 18.35 ? 36  PRO A N   1 
ATOM   255 C  CA  . PRO A 1 36 ? 3.122   -6.058  12.260  1.00 19.15 ? 36  PRO A CA  1 
ATOM   256 C  C   . PRO A 1 36 ? 3.384   -4.566  12.435  1.00 19.41 ? 36  PRO A C   1 
ATOM   257 O  O   . PRO A 1 36 ? 2.895   -3.971  13.411  1.00 20.31 ? 36  PRO A O   1 
ATOM   258 C  CB  . PRO A 1 36 ? 4.367   -6.874  12.620  1.00 19.60 ? 36  PRO A CB  1 
ATOM   259 C  CG  . PRO A 1 36 ? 4.206   -8.123  11.836  1.00 20.00 ? 36  PRO A CG  1 
ATOM   260 C  CD  . PRO A 1 36 ? 3.643   -7.662  10.514  1.00 18.91 ? 36  PRO A CD  1 
ATOM   261 N  N   . ASN A 1 37 ? 4.127   -3.971  11.501  1.00 18.41 ? 37  ASN A N   1 
ATOM   262 C  CA  . ASN A 1 37 ? 4.545   -2.575  11.604  1.00 18.15 ? 37  ASN A CA  1 
ATOM   263 C  C   . ASN A 1 37 ? 3.661   -1.606  10.829  1.00 16.71 ? 37  ASN A C   1 
ATOM   264 O  O   . ASN A 1 37 ? 3.926   -0.400  10.816  1.00 16.70 ? 37  ASN A O   1 
ATOM   265 C  CB  . ASN A 1 37 ? 6.016   -2.433  11.204  1.00 18.74 ? 37  ASN A CB  1 
ATOM   266 C  CG  . ASN A 1 37 ? 6.948   -3.121  12.183  1.00 22.42 ? 37  ASN A CG  1 
ATOM   267 O  OD1 . ASN A 1 37 ? 6.807   -2.965  13.407  1.00 25.55 ? 37  ASN A OD1 1 
ATOM   268 N  ND2 . ASN A 1 37 ? 7.901   -3.882  11.662  1.00 24.37 ? 37  ASN A ND2 1 
ATOM   269 N  N   . LYS A 1 38 ? 2.591   -2.137  10.228  1.00 15.66 ? 38  LYS A N   1 
ATOM   270 C  CA  . LYS A 1 38 ? 1.584   -1.345  9.519   1.00 14.62 ? 38  LYS A CA  1 
ATOM   271 C  C   . LYS A 1 38 ? 2.223   -0.506  8.414   1.00 14.54 ? 38  LYS A C   1 
ATOM   272 O  O   . LYS A 1 38 ? 1.986   0.702   8.290   1.00 14.29 ? 38  LYS A O   1 
ATOM   273 C  CB  . LYS A 1 38 ? 0.772   -0.485  10.502  1.00 15.33 ? 38  LYS A CB  1 
ATOM   274 C  CG  . LYS A 1 38 ? -0.102  -1.299  11.453  1.00 16.99 ? 38  LYS A CG  1 
ATOM   275 C  CD  . LYS A 1 38 ? -0.863  -0.372  12.364  1.00 20.90 ? 38  LYS A CD  1 
ATOM   276 C  CE  . LYS A 1 38 ? -1.804  -1.145  13.249  1.00 23.26 ? 38  LYS A CE  1 
ATOM   277 N  NZ  . LYS A 1 38 ? -2.457  -0.169  14.173  1.00 28.86 ? 38  LYS A NZ  1 
ATOM   278 N  N   . LYS A 1 39 ? 3.076   -1.161  7.630   1.00 14.37 ? 39  LYS A N   1 
ATOM   279 C  CA  . LYS A 1 39 ? 3.798   -0.465  6.564   1.00 14.81 ? 39  LYS A CA  1 
ATOM   280 C  C   . LYS A 1 39 ? 3.687   -1.237  5.262   1.00 14.18 ? 39  LYS A C   1 
ATOM   281 O  O   . LYS A 1 39 ? 3.612   -2.472  5.263   1.00 14.72 ? 39  LYS A O   1 
ATOM   282 C  CB  . LYS A 1 39 ? 5.269   -0.267  6.946   1.00 15.20 ? 39  LYS A CB  1 
ATOM   283 C  CG  . LYS A 1 39 ? 5.481   0.840   7.995   1.00 19.21 ? 39  LYS A CG  1 
ATOM   284 C  CD  . LYS A 1 39 ? 6.918   0.884   8.448   1.00 24.84 ? 39  LYS A CD  1 
ATOM   285 C  CE  . LYS A 1 39 ? 7.123   1.966   9.496   1.00 27.68 ? 39  LYS A CE  1 
ATOM   286 N  NZ  . LYS A 1 39 ? 8.552   2.048   9.895   1.00 30.27 ? 39  LYS A NZ  1 
ATOM   287 N  N   . VAL A 1 40 ? 3.664   -0.494  4.158   1.00 13.09 ? 40  VAL A N   1 
ATOM   288 C  CA  . VAL A 1 40 ? 3.648   -1.082  2.823   1.00 14.11 ? 40  VAL A CA  1 
ATOM   289 C  C   . VAL A 1 40 ? 4.679   -0.325  1.985   1.00 13.94 ? 40  VAL A C   1 
ATOM   290 O  O   . VAL A 1 40 ? 4.688   0.908   1.968   1.00 14.30 ? 40  VAL A O   1 
ATOM   291 C  CB  . VAL A 1 40 ? 2.246   -1.006  2.160   1.00 14.12 ? 40  VAL A CB  1 
ATOM   292 C  CG1 . VAL A 1 40 ? 2.277   -1.711  0.824   1.00 15.28 ? 40  VAL A CG1 1 
ATOM   293 C  CG2 . VAL A 1 40 ? 1.158   -1.636  3.082   1.00 16.04 ? 40  VAL A CG2 1 
ATOM   294 N  N   . CYS A 1 41 ? 5.565   -1.065  1.324   1.00 13.77 ? 41  CYS A N   1 
ATOM   295 C  CA  . CYS A 1 41 ? 6.591   -0.469  0.484   1.00 15.15 ? 41  CYS A CA  1 
ATOM   296 C  C   . CYS A 1 41 ? 6.297   -0.829  -0.971  1.00 13.55 ? 41  CYS A C   1 
ATOM   297 O  O   . CYS A 1 41 ? 6.055   -1.988  -1.260  1.00 12.92 ? 41  CYS A O   1 
ATOM   298 C  CB  . CYS A 1 41 ? 7.956   -1.019  0.881   1.00 16.75 ? 41  CYS A CB  1 
ATOM   299 S  SG  . CYS A 1 41 ? 9.273   -0.353  -0.076  1.00 29.57 ? 41  CYS A SG  1 
ATOM   300 N  N   . ILE A 1 42 ? 6.335   0.159   -1.872  1.00 13.55 ? 42  ILE A N   1 
ATOM   301 C  CA  . ILE A 1 42 ? 5.915   -0.063  -3.256  1.00 13.65 ? 42  ILE A CA  1 
ATOM   302 C  C   . ILE A 1 42 ? 6.941   0.508   -4.214  1.00 14.04 ? 42  ILE A C   1 
ATOM   303 O  O   . ILE A 1 42 ? 7.239   1.695   -4.146  1.00 15.08 ? 42  ILE A O   1 
ATOM   304 C  CB  . ILE A 1 42 ? 4.535   0.584   -3.564  1.00 13.57 ? 42  ILE A CB  1 
ATOM   305 C  CG1 . ILE A 1 42 ? 3.475   0.069   -2.581  1.00 13.83 ? 42  ILE A CG1 1 
ATOM   306 C  CG2 . ILE A 1 42 ? 4.099   0.304   -5.027  1.00 13.59 ? 42  ILE A CG2 1 
ATOM   307 C  CD1 . ILE A 1 42 ? 2.181   0.873   -2.603  1.00 14.43 ? 42  ILE A CD1 1 
ATOM   308 N  N   . GLU A 1 43 ? 7.484   -0.337  -5.087  1.00 13.74 ? 43  GLU A N   1 
ATOM   309 C  CA  . GLU A 1 43 ? 8.305   0.140   -6.199  1.00 15.58 ? 43  GLU A CA  1 
ATOM   310 C  C   . GLU A 1 43 ? 7.451   0.149   -7.456  1.00 15.33 ? 43  GLU A C   1 
ATOM   311 O  O   . GLU A 1 43 ? 6.854   -0.875  -7.804  1.00 15.25 ? 43  GLU A O   1 
ATOM   312 C  CB  . GLU A 1 43 ? 9.517   -0.757  -6.385  1.00 16.14 ? 43  GLU A CB  1 
ATOM   313 C  CG  . GLU A 1 43 ? 10.498  -0.226  -7.423  1.00 20.97 ? 43  GLU A CG  1 
ATOM   314 C  CD  . GLU A 1 43 ? 11.861  -0.891  -7.339  1.00 26.96 ? 43  GLU A CD  1 
ATOM   315 O  OE1 . GLU A 1 43 ? 11.998  -1.919  -6.639  1.00 27.26 ? 43  GLU A OE1 1 
ATOM   316 O  OE2 . GLU A 1 43 ? 12.804  -0.366  -7.981  1.00 32.37 ? 43  GLU A OE2 1 
ATOM   317 N  N   . SER A 1 44 ? 7.405   1.300   -8.126  1.00 15.98 ? 44  SER A N   1 
ATOM   318 C  CA  . SER A 1 44 ? 6.469   1.507   -9.239  1.00 17.04 ? 44  SER A CA  1 
ATOM   319 C  C   . SER A 1 44 ? 6.835   2.748   -10.007 1.00 16.97 ? 44  SER A C   1 
ATOM   320 O  O   . SER A 1 44 ? 7.492   3.638   -9.462  1.00 16.56 ? 44  SER A O   1 
ATOM   321 C  CB  . SER A 1 44 ? 5.085   1.788   -8.639  1.00 17.07 ? 44  SER A CB  1 
ATOM   322 O  OG  . SER A 1 44 ? 4.126   1.934   -9.638  1.00 21.66 ? 44  SER A OG  1 
ATOM   323 N  N   . GLU A 1 45 ? 6.338   2.840   -11.247 1.00 16.92 ? 45  GLU A N   1 
ATOM   324 C  CA  . GLU A 1 45 ? 6.327   4.118   -11.946 1.00 17.39 ? 45  GLU A CA  1 
ATOM   325 C  C   . GLU A 1 45 ? 4.952   4.786   -11.868 1.00 17.50 ? 45  GLU A C   1 
ATOM   326 O  O   . GLU A 1 45 ? 4.695   5.765   -12.560 1.00 19.78 ? 45  GLU A O   1 
ATOM   327 C  CB  . GLU A 1 45 ? 6.780   3.992   -13.411 1.00 17.04 ? 45  GLU A CB  1 
ATOM   328 C  CG  . GLU A 1 45 ? 8.246   3.632   -13.582 1.00 18.96 ? 45  GLU A CG  1 
ATOM   329 C  CD  . GLU A 1 45 ? 9.204   4.767   -13.238 1.00 22.62 ? 45  GLU A CD  1 
ATOM   330 O  OE1 . GLU A 1 45 ? 8.763   5.884   -12.885 1.00 24.98 ? 45  GLU A OE1 1 
ATOM   331 O  OE2 . GLU A 1 45 ? 10.426  4.530   -13.342 1.00 28.17 ? 45  GLU A OE2 1 
ATOM   332 N  N   . HIS A 1 46 ? 4.067   4.276   -11.017 1.00 16.83 ? 46  HIS A N   1 
ATOM   333 C  CA  . HIS A 1 46 ? 2.837   5.003   -10.711 1.00 16.20 ? 46  HIS A CA  1 
ATOM   334 C  C   . HIS A 1 46 ? 3.186   6.229   -9.894  1.00 16.45 ? 46  HIS A C   1 
ATOM   335 O  O   . HIS A 1 46 ? 4.184   6.223   -9.168  1.00 16.94 ? 46  HIS A O   1 
ATOM   336 C  CB  . HIS A 1 46 ? 1.884   4.145   -9.878  1.00 16.77 ? 46  HIS A CB  1 
ATOM   337 C  CG  . HIS A 1 46 ? 1.160   3.107   -10.674 1.00 15.80 ? 46  HIS A CG  1 
ATOM   338 N  ND1 . HIS A 1 46 ? 0.119   3.423   -11.514 1.00 19.00 ? 46  HIS A ND1 1 
ATOM   339 C  CD2 . HIS A 1 46 ? 1.327   1.764   -10.768 1.00 17.59 ? 46  HIS A CD2 1 
ATOM   340 C  CE1 . HIS A 1 46 ? -0.335  2.324   -12.086 1.00 17.48 ? 46  HIS A CE1 1 
ATOM   341 N  NE2 . HIS A 1 46 ? 0.393   1.308   -11.667 1.00 16.66 ? 46  HIS A NE2 1 
ATOM   342 N  N   . SER A 1 47 ? 2.373   7.276   -10.010 1.00 16.26 ? 47  SER A N   1 
ATOM   343 C  CA  . SER A 1 47 ? 2.555   8.457   -9.170  1.00 16.56 ? 47  SER A CA  1 
ATOM   344 C  C   . SER A 1 47 ? 2.286   8.112   -7.717  1.00 16.04 ? 47  SER A C   1 
ATOM   345 O  O   . SER A 1 47 ? 1.516   7.199   -7.410  1.00 15.59 ? 47  SER A O   1 
ATOM   346 C  CB  . SER A 1 47 ? 1.619   9.582   -9.601  1.00 16.65 ? 47  SER A CB  1 
ATOM   347 O  OG  . SER A 1 47 ? 0.262   9.233   -9.361  1.00 17.54 ? 47  SER A OG  1 
ATOM   348 N  N   . MET A 1 48 ? 2.901   8.861   -6.811  1.00 16.43 ? 48  MET A N   1 
ATOM   349 C  CA  . MET A 1 48 ? 2.565   8.735   -5.397  1.00 16.40 ? 48  MET A CA  1 
ATOM   350 C  C   . MET A 1 48 ? 1.060   8.926   -5.180  1.00 16.54 ? 48  MET A C   1 
ATOM   351 O  O   . MET A 1 48 ? 0.458   8.204   -4.378  1.00 15.86 ? 48  MET A O   1 
ATOM   352 C  CB  . MET A 1 48 ? 3.414   9.717   -4.558  1.00 16.88 ? 48  MET A CB  1 
ATOM   353 C  CG  . MET A 1 48 ? 3.024   9.819   -3.087  1.00 18.25 ? 48  MET A CG  1 
ATOM   354 S  SD  . MET A 1 48 ? 1.692   10.990  -2.835  1.00 18.16 ? 48  MET A SD  1 
ATOM   355 C  CE  . MET A 1 48 ? 1.416   10.774  -1.080  1.00 18.88 ? 48  MET A CE  1 
ATOM   356 N  N   . ASP A 1 49 ? 0.459   9.872   -5.918  1.00 16.56 ? 49  ASP A N   1 
ATOM   357 C  CA  . ASP A 1 49 ? -0.988  10.166  -5.852  1.00 17.54 ? 49  ASP A CA  1 
ATOM   358 C  C   . ASP A 1 49 ? -1.834  8.930   -6.111  1.00 16.23 ? 49  ASP A C   1 
ATOM   359 O  O   . ASP A 1 49 ? -2.797  8.662   -5.382  1.00 16.57 ? 49  ASP A O   1 
ATOM   360 C  CB  . ASP A 1 49 ? -1.428  11.164  -6.936  1.00 19.22 ? 49  ASP A CB  1 
ATOM   361 C  CG  . ASP A 1 49 ? -0.504  12.321  -7.098  1.00 19.78 ? 49  ASP A CG  1 
ATOM   362 O  OD1 . ASP A 1 49 ? -0.938  13.455  -6.802  1.00 25.25 ? 49  ASP A OD1 1 
ATOM   363 O  OD2 . ASP A 1 49 ? 0.626   12.118  -7.547  1.00 21.12 ? 49  ASP A OD2 1 
ATOM   364 N  N   . THR A 1 50 ? -1.505  8.228   -7.194  1.00 15.82 ? 50  THR A N   1 
ATOM   365 C  CA  . THR A 1 50 ? -2.246  7.054   -7.611  1.00 14.90 ? 50  THR A CA  1 
ATOM   366 C  C   . THR A 1 50 ? -2.084  5.974   -6.558  1.00 14.38 ? 50  THR A C   1 
ATOM   367 O  O   . THR A 1 50 ? -3.059  5.311   -6.195  1.00 14.29 ? 50  THR A O   1 
ATOM   368 C  CB  . THR A 1 50 ? -1.781  6.546   -8.988  1.00 15.04 ? 50  THR A CB  1 
ATOM   369 O  OG1 . THR A 1 50 ? -2.187  7.496   -9.970  1.00 16.66 ? 50  THR A OG1 1 
ATOM   370 C  CG2 . THR A 1 50 ? -2.423  5.186   -9.337  1.00 16.43 ? 50  THR A CG2 1 
ATOM   371 N  N   . LEU A 1 51 ? -0.860  5.801   -6.049  1.00 12.84 ? 51  LEU A N   1 
ATOM   372 C  CA  . LEU A 1 51 ? -0.651  4.754   -5.059  1.00 12.55 ? 51  LEU A CA  1 
ATOM   373 C  C   . LEU A 1 51 ? -1.445  5.061   -3.792  1.00 12.24 ? 51  LEU A C   1 
ATOM   374 O  O   . LEU A 1 51 ? -2.059  4.160   -3.215  1.00 12.62 ? 51  LEU A O   1 
ATOM   375 C  CB  . LEU A 1 51 ? 0.835   4.572   -4.728  1.00 12.25 ? 51  LEU A CB  1 
ATOM   376 C  CG  . LEU A 1 51 ? 1.712   4.089   -5.895  1.00 13.21 ? 51  LEU A CG  1 
ATOM   377 C  CD1 . LEU A 1 51 ? 3.181   4.067   -5.473  1.00 12.96 ? 51  LEU A CD1 1 
ATOM   378 C  CD2 . LEU A 1 51 ? 1.289   2.729   -6.434  1.00 14.21 ? 51  LEU A CD2 1 
ATOM   379 N  N   . LEU A 1 52 ? -1.432  6.326   -3.361  1.00 12.53 ? 52  LEU A N   1 
ATOM   380 C  CA  . LEU A 1 52 ? -2.180  6.734   -2.170  1.00 13.31 ? 52  LEU A CA  1 
ATOM   381 C  C   . LEU A 1 52 ? -3.671  6.455   -2.365  1.00 13.61 ? 52  LEU A C   1 
ATOM   382 O  O   . LEU A 1 52 ? -4.309  5.841   -1.511  1.00 14.71 ? 52  LEU A O   1 
ATOM   383 C  CB  . LEU A 1 52 ? -1.923  8.218   -1.858  1.00 13.84 ? 52  LEU A CB  1 
ATOM   384 C  CG  . LEU A 1 52 ? -2.698  8.816   -0.701  1.00 14.56 ? 52  LEU A CG  1 
ATOM   385 C  CD1 . LEU A 1 52 ? -2.247  8.181   0.601   1.00 18.05 ? 52  LEU A CD1 1 
ATOM   386 C  CD2 . LEU A 1 52 ? -2.480  10.319  -0.664  1.00 15.49 ? 52  LEU A CD2 1 
ATOM   387 N  N   . ALA A 1 53 ? -4.216  6.864   -3.509  1.00 13.99 ? 53  ALA A N   1 
ATOM   388 C  CA  . ALA A 1 53 ? -5.633  6.632   -3.795  1.00 14.59 ? 53  ALA A CA  1 
ATOM   389 C  C   . ALA A 1 53 ? -5.985  5.142   -3.805  1.00 14.00 ? 53  ALA A C   1 
ATOM   390 O  O   . ALA A 1 53 ? -7.029  4.738   -3.291  1.00 15.33 ? 53  ALA A O   1 
ATOM   391 C  CB  . ALA A 1 53 ? -6.020  7.287   -5.110  1.00 14.93 ? 53  ALA A CB  1 
ATOM   392 N  N   . THR A 1 54 ? -5.099  4.335   -4.381  1.00 13.76 ? 54  THR A N   1 
ATOM   393 C  CA  . THR A 1 54 ? -5.289  2.881   -4.450  1.00 13.02 ? 54  THR A CA  1 
ATOM   394 C  C   . THR A 1 54 ? -5.320  2.264   -3.045  1.00 12.62 ? 54  THR A C   1 
ATOM   395 O  O   . THR A 1 54 ? -6.216  1.478   -2.729  1.00 12.96 ? 54  THR A O   1 
ATOM   396 C  CB  . THR A 1 54 ? -4.209  2.236   -5.349  1.00 12.71 ? 54  THR A CB  1 
ATOM   397 O  OG1 . THR A 1 54 ? -4.309  2.782   -6.668  1.00 14.24 ? 54  THR A OG1 1 
ATOM   398 C  CG2 . THR A 1 54 ? -4.363  0.714   -5.448  1.00 12.65 ? 54  THR A CG2 1 
ATOM   399 N  N   . LEU A 1 55 ? -4.357  2.629   -2.197  1.00 13.08 ? 55  LEU A N   1 
ATOM   400 C  CA  . LEU A 1 55 ? -4.315  2.075   -0.850  1.00 12.89 ? 55  LEU A CA  1 
ATOM   401 C  C   . LEU A 1 55 ? -5.553  2.461   -0.069  1.00 13.81 ? 55  LEU A C   1 
ATOM   402 O  O   . LEU A 1 55 ? -6.090  1.650   0.694   1.00 14.66 ? 55  LEU A O   1 
ATOM   403 C  CB  . LEU A 1 55 ? -3.038  2.501   -0.107  1.00 13.05 ? 55  LEU A CB  1 
ATOM   404 C  CG  . LEU A 1 55 ? -1.764  1.865   -0.690  1.00 11.86 ? 55  LEU A CG  1 
ATOM   405 C  CD1 . LEU A 1 55 ? -0.550  2.561   -0.134  1.00 11.63 ? 55  LEU A CD1 1 
ATOM   406 C  CD2 . LEU A 1 55 ? -1.698  0.360   -0.420  1.00 12.03 ? 55  LEU A CD2 1 
ATOM   407 N  N   . LYS A 1 56 ? -6.005  3.693   -0.271  1.00 14.80 ? 56  LYS A N   1 
ATOM   408 C  CA  . LYS A 1 56 ? -7.202  4.192   0.423   1.00 15.58 ? 56  LYS A CA  1 
ATOM   409 C  C   . LYS A 1 56 ? -8.484  3.433   0.058   1.00 16.08 ? 56  LYS A C   1 
ATOM   410 O  O   . LYS A 1 56 ? -9.454  3.486   0.822   1.00 16.39 ? 56  LYS A O   1 
ATOM   411 C  CB  . LYS A 1 56 ? -7.363  5.706   0.205   1.00 15.77 ? 56  LYS A CB  1 
ATOM   412 C  CG  . LYS A 1 56 ? -6.375  6.503   1.043   1.00 17.58 ? 56  LYS A CG  1 
ATOM   413 C  CD  . LYS A 1 56 ? -6.568  8.000   0.953   1.00 22.87 ? 56  LYS A CD  1 
ATOM   414 C  CE  . LYS A 1 56 ? -5.567  8.668   1.892   1.00 26.26 ? 56  LYS A CE  1 
ATOM   415 N  NZ  . LYS A 1 56 ? -6.094  9.893   2.560   1.00 31.64 ? 56  LYS A NZ  1 
ATOM   416 N  N   . LYS A 1 57 ? -8.485  2.717   -1.069  1.00 15.98 ? 57  LYS A N   1 
ATOM   417 C  CA  . LYS A 1 57 ? -9.644  1.894   -1.480  1.00 16.85 ? 57  LYS A CA  1 
ATOM   418 C  C   . LYS A 1 57 ? -9.946  0.786   -0.488  1.00 17.00 ? 57  LYS A C   1 
ATOM   419 O  O   . LYS A 1 57 ? -11.083 0.307   -0.436  1.00 19.15 ? 57  LYS A O   1 
ATOM   420 C  CB  . LYS A 1 57 ? -9.453  1.307   -2.885  1.00 16.54 ? 57  LYS A CB  1 
ATOM   421 C  CG  . LYS A 1 57 ? -9.574  2.343   -3.980  1.00 18.02 ? 57  LYS A CG  1 
ATOM   422 C  CD  . LYS A 1 57 ? -9.299  1.771   -5.332  1.00 23.11 ? 57  LYS A CD  1 
ATOM   423 C  CE  . LYS A 1 57 ? -9.583  2.847   -6.364  1.00 26.26 ? 57  LYS A CE  1 
ATOM   424 N  NZ  . LYS A 1 57 ? -9.554  2.326   -7.740  1.00 30.19 ? 57  LYS A NZ  1 
ATOM   425 N  N   . THR A 1 58 ? -8.946  0.391   0.305   1.00 17.16 ? 58  THR A N   1 
ATOM   426 C  CA  . THR A 1 58 ? -9.127  -0.585  1.383   1.00 17.09 ? 58  THR A CA  1 
ATOM   427 C  C   . THR A 1 58 ? -9.967  -0.035  2.535   1.00 17.20 ? 58  THR A C   1 
ATOM   428 O  O   . THR A 1 58 ? -10.432 -0.804  3.387   1.00 18.00 ? 58  THR A O   1 
ATOM   429 C  CB  . THR A 1 58 ? -7.783  -1.045  2.016   1.00 16.32 ? 58  THR A CB  1 
ATOM   430 O  OG1 . THR A 1 58 ? -7.129  0.049   2.679   1.00 16.47 ? 58  THR A OG1 1 
ATOM   431 C  CG2 . THR A 1 58 ? -6.852  -1.664  0.963   1.00 17.34 ? 58  THR A CG2 1 
ATOM   432 N  N   . GLY A 1 59 ? -10.090 1.285   2.587   1.00 17.30 ? 59  GLY A N   1 
ATOM   433 C  CA  . GLY A 1 59 ? -10.744 1.975   3.692   1.00 17.54 ? 59  GLY A CA  1 
ATOM   434 C  C   . GLY A 1 59 ? -9.877  2.225   4.912   1.00 17.95 ? 59  GLY A C   1 
ATOM   435 O  O   . GLY A 1 59 ? -10.305 2.926   5.836   1.00 18.56 ? 59  GLY A O   1 
ATOM   436 N  N   . LYS A 1 60 ? -8.663  1.662   4.934   1.00 17.32 ? 60  LYS A N   1 
ATOM   437 C  CA  . LYS A 1 60 ? -7.741  1.864   6.050   1.00 17.52 ? 60  LYS A CA  1 
ATOM   438 C  C   . LYS A 1 60 ? -7.128  3.253   5.974   1.00 17.71 ? 60  LYS A C   1 
ATOM   439 O  O   . LYS A 1 60 ? -6.968  3.812   4.889   1.00 18.36 ? 60  LYS A O   1 
ATOM   440 C  CB  . LYS A 1 60 ? -6.620  0.814   6.048   1.00 17.82 ? 60  LYS A CB  1 
ATOM   441 C  CG  . LYS A 1 60 ? -7.065  -0.652  5.906   1.00 18.23 ? 60  LYS A CG  1 
ATOM   442 C  CD  . LYS A 1 60 ? -8.165  -1.056  6.871   1.00 20.20 ? 60  LYS A CD  1 
ATOM   443 C  CE  . LYS A 1 60 ? -8.663  -2.464  6.512   1.00 21.76 ? 60  LYS A CE  1 
ATOM   444 N  NZ  . LYS A 1 60 ? -10.007 -2.753  7.125   1.00 21.29 ? 60  LYS A NZ  1 
ATOM   445 N  N   . THR A 1 61 ? -6.795  3.809   7.129   1.00 17.40 ? 61  THR A N   1 
ATOM   446 C  CA  . THR A 1 61 ? -6.078  5.071   7.218   1.00 18.23 ? 61  THR A CA  1 
ATOM   447 C  C   . THR A 1 61 ? -4.698  4.899   6.567   1.00 16.82 ? 61  THR A C   1 
ATOM   448 O  O   . THR A 1 61 ? -3.971  3.959   6.882   1.00 16.80 ? 61  THR A O   1 
ATOM   449 C  CB  . THR A 1 61 ? -5.922  5.488   8.688   1.00 18.96 ? 61  THR A CB  1 
ATOM   450 O  OG1 . THR A 1 61 ? -7.231  5.676   9.237   1.00 23.06 ? 61  THR A OG1 1 
ATOM   451 C  CG2 . THR A 1 61 ? -5.147  6.793   8.805   1.00 20.86 ? 61  THR A CG2 1 
ATOM   452 N  N   . VAL A 1 62 ? -4.362  5.805   5.651   1.00 15.83 ? 62  VAL A N   1 
ATOM   453 C  CA  . VAL A 1 62 ? -3.084  5.732   4.927   1.00 15.02 ? 62  VAL A CA  1 
ATOM   454 C  C   . VAL A 1 62 ? -2.339  7.056   5.022   1.00 15.58 ? 62  VAL A C   1 
ATOM   455 O  O   . VAL A 1 62 ? -2.934  8.121   4.848   1.00 16.39 ? 62  VAL A O   1 
ATOM   456 C  CB  . VAL A 1 62 ? -3.302  5.392   3.439   1.00 13.73 ? 62  VAL A CB  1 
ATOM   457 C  CG1 . VAL A 1 62 ? -1.939  5.344   2.684   1.00 13.74 ? 62  VAL A CG1 1 
ATOM   458 C  CG2 . VAL A 1 62 ? -4.044  4.059   3.295   1.00 14.12 ? 62  VAL A CG2 1 
ATOM   459 N  N   . SER A 1 63 ? -1.040  7.003   5.283   1.00 15.88 ? 63  SER A N   1 
ATOM   460 C  CA  . SER A 1 63 ? -0.233  8.199   5.111   1.00 15.67 ? 63  SER A CA  1 
ATOM   461 C  C   . SER A 1 63 ? 1.087   7.862   4.440   1.00 14.77 ? 63  SER A C   1 
ATOM   462 O  O   . SER A 1 63 ? 1.430   6.692   4.265   1.00 15.14 ? 63  SER A O   1 
ATOM   463 C  CB  . SER A 1 63 ? -0.017  8.947   6.428   1.00 17.32 ? 63  SER A CB  1 
ATOM   464 O  OG  . SER A 1 63 ? 0.562   8.120   7.388   1.00 20.60 ? 63  SER A OG  1 
ATOM   465 N  N   . TYR A 1 64 ? 1.819   8.890   4.060   1.00 13.44 ? 64  TYR A N   1 
ATOM   466 C  CA  . TYR A 1 64 ? 3.013   8.688   3.253   1.00 12.50 ? 64  TYR A CA  1 
ATOM   467 C  C   . TYR A 1 64 ? 4.258   8.834   4.108   1.00 13.41 ? 64  TYR A C   1 
ATOM   468 O  O   . TYR A 1 64 ? 4.437   9.841   4.789   1.00 13.48 ? 64  TYR A O   1 
ATOM   469 C  CB  . TYR A 1 64 ? 3.022   9.703   2.112   1.00 12.82 ? 64  TYR A CB  1 
ATOM   470 C  CG  . TYR A 1 64 ? 4.161   9.591   1.131   1.00 11.82 ? 64  TYR A CG  1 
ATOM   471 C  CD1 . TYR A 1 64 ? 4.469   8.373   0.505   1.00 11.03 ? 64  TYR A CD1 1 
ATOM   472 C  CD2 . TYR A 1 64 ? 4.880   10.735  0.765   1.00 12.84 ? 64  TYR A CD2 1 
ATOM   473 C  CE1 . TYR A 1 64 ? 5.493   8.303   -0.458  1.00 12.97 ? 64  TYR A CE1 1 
ATOM   474 C  CE2 . TYR A 1 64 ? 5.889   10.675  -0.180  1.00 14.00 ? 64  TYR A CE2 1 
ATOM   475 C  CZ  . TYR A 1 64 ? 6.188   9.455   -0.780  1.00 14.53 ? 64  TYR A CZ  1 
ATOM   476 O  OH  . TYR A 1 64 ? 7.178   9.390   -1.711  1.00 16.21 ? 64  TYR A OH  1 
ATOM   477 N  N   . LEU A 1 65 ? 5.116   7.817   4.069   1.00 13.15 ? 65  LEU A N   1 
ATOM   478 C  CA  . LEU A 1 65 ? 6.357   7.817   4.848   1.00 13.84 ? 65  LEU A CA  1 
ATOM   479 C  C   . LEU A 1 65 ? 7.564   8.215   4.006   1.00 14.38 ? 65  LEU A C   1 
ATOM   480 O  O   . LEU A 1 65 ? 8.692   8.267   4.497   1.00 15.54 ? 65  LEU A O   1 
ATOM   481 C  CB  . LEU A 1 65 ? 6.586   6.450   5.521   1.00 14.02 ? 65  LEU A CB  1 
ATOM   482 C  CG  . LEU A 1 65 ? 5.453   5.984   6.447   1.00 14.13 ? 65  LEU A CG  1 
ATOM   483 C  CD1 . LEU A 1 65 ? 5.785   4.615   7.039   1.00 16.16 ? 65  LEU A CD1 1 
ATOM   484 C  CD2 . LEU A 1 65 ? 5.186   6.986   7.548   1.00 16.71 ? 65  LEU A CD2 1 
ATOM   485 N  N   . GLY A 1 66 ? 7.332   8.475   2.731   1.00 14.79 ? 66  GLY A N   1 
ATOM   486 C  CA  . GLY A 1 66 ? 8.366   9.045   1.867   1.00 14.95 ? 66  GLY A CA  1 
ATOM   487 C  C   . GLY A 1 66 ? 9.035   8.088   0.899   1.00 16.20 ? 66  GLY A C   1 
ATOM   488 O  O   . GLY A 1 66 ? 8.688   6.906   0.809   1.00 15.95 ? 66  GLY A O   1 
ATOM   489 N  N   . LEU A 1 67 ? 10.014  8.625   0.176   1.00 16.43 ? 67  LEU A N   1 
ATOM   490 C  CA  . LEU A 1 67 ? 10.836  7.876   -0.750  1.00 17.78 ? 67  LEU A CA  1 
ATOM   491 C  C   . LEU A 1 67 ? 11.888  7.053   -0.012  1.00 19.21 ? 67  LEU A C   1 
ATOM   492 O  O   . LEU A 1 67 ? 12.382  7.486   1.039   1.00 19.66 ? 67  LEU A O   1 
ATOM   493 C  CB  . LEU A 1 67 ? 11.525  8.855   -1.696  1.00 19.05 ? 67  LEU A CB  1 
ATOM   494 C  CG  . LEU A 1 67 ? 10.656  9.499   -2.780  1.00 19.36 ? 67  LEU A CG  1 
ATOM   495 C  CD1 . LEU A 1 67 ? 11.361  10.741  -3.322  1.00 21.75 ? 67  LEU A CD1 1 
ATOM   496 C  CD2 . LEU A 1 67 ? 10.338  8.517   -3.905  1.00 21.72 ? 67  LEU A CD2 1 
HETATM 497 PT PT  . PT  B 2 .  ? -7.380  -7.189  9.895   0.75 17.77 ? 69  PT  A PT  1 
HETATM 498 S  S   . SO4 C 3 .  ? 1.378   -6.656  -14.298 1.00 29.50 ? 70  SO4 A S   1 
HETATM 499 O  O1  . SO4 C 3 .  ? 0.714   -5.690  -13.446 1.00 32.69 ? 70  SO4 A O1  1 
HETATM 500 O  O2  . SO4 C 3 .  ? 1.892   -6.003  -15.499 1.00 31.80 ? 70  SO4 A O2  1 
HETATM 501 O  O3  . SO4 C 3 .  ? 2.475   -7.253  -13.553 1.00 34.22 ? 70  SO4 A O3  1 
HETATM 502 O  O4  . SO4 C 3 .  ? 0.461   -7.729  -14.671 1.00 33.42 ? 70  SO4 A O4  1 
HETATM 503 O  O16 . TCE D 4 .  ? -10.599 -6.780  14.535  1.00 37.68 ? 71  TCE A O16 1 
HETATM 504 C  C14 . TCE D 4 .  ? -10.713 -6.168  13.447  1.00 36.43 ? 71  TCE A C14 1 
HETATM 505 O  O15 . TCE D 4 .  ? -10.938 -4.939  13.369  1.00 36.73 ? 71  TCE A O15 1 
HETATM 506 C  C5  . TCE D 4 .  ? -10.566 -6.965  12.176  1.00 34.15 ? 71  TCE A C5  1 
HETATM 507 C  C2  . TCE D 4 .  ? -9.732  -6.208  11.155  1.00 34.63 ? 71  TCE A C2  1 
HETATM 508 P  P   . TCE D 4 .  ? -9.843  -7.156  9.566   1.00 29.53 ? 71  TCE A P   1 
HETATM 509 C  C3  . TCE D 4 .  ? -10.157 -8.990  9.562   1.00 34.48 ? 71  TCE A C3  1 
HETATM 510 C  C6  . TCE D 4 .  ? -11.555 -9.277  9.019   1.00 38.27 ? 71  TCE A C6  1 
HETATM 511 C  C8  . TCE D 4 .  ? -11.498 -10.568 8.219   1.00 40.86 ? 71  TCE A C8  1 
HETATM 512 O  O10 . TCE D 4 .  ? -11.078 -10.558 7.029   1.00 42.08 ? 71  TCE A O10 1 
HETATM 513 O  O9  . TCE D 4 .  ? -11.865 -11.617 8.790   1.00 41.95 ? 71  TCE A O9  1 
HETATM 514 C  C1  . TCE D 4 .  ? -9.825  -6.210  7.956   1.00 31.96 ? 71  TCE A C1  1 
HETATM 515 C  C4  . TCE D 4 .  ? -10.167 -7.086  6.756   1.00 31.36 ? 71  TCE A C4  1 
HETATM 516 C  C11 . TCE D 4 .  ? -10.627 -6.252  5.576   1.00 32.46 ? 71  TCE A C11 1 
HETATM 517 O  O12 . TCE D 4 .  ? -11.081 -6.853  4.577   1.00 32.57 ? 71  TCE A O12 1 
HETATM 518 O  O13 . TCE D 4 .  ? -10.553 -5.003  5.625   1.00 30.52 ? 71  TCE A O13 1 
HETATM 519 O  O   . HOH E 5 .  ? -7.146  0.302   -9.712  1.00 40.85 ? 72  HOH A O   1 
HETATM 520 O  O   . HOH E 5 .  ? 1.884   -1.258  14.660  1.00 54.69 ? 73  HOH A O   1 
HETATM 521 O  O   . HOH E 5 .  ? 16.389  -1.898  -6.508  1.00 58.93 ? 74  HOH A O   1 
HETATM 522 O  O   . HOH E 5 .  ? 11.182  4.510   3.720   1.00 64.59 ? 75  HOH A O   1 
HETATM 523 O  O   . HOH E 5 .  ? -12.356 -1.186  -6.875  1.00 74.25 ? 76  HOH A O   1 
HETATM 524 O  O   . HOH E 5 .  ? -6.137  9.950   -2.241  1.00 28.05 ? 77  HOH A O   1 
HETATM 525 O  O   . HOH E 5 .  ? -11.105 -3.707  -0.012  1.00 39.15 ? 78  HOH A O   1 
HETATM 526 O  O   . HOH E 5 .  ? -14.541 -7.304  1.500   1.00 46.79 ? 79  HOH A O   1 
HETATM 527 O  O   . HOH E 5 .  ? 0.899   10.736  -13.238 1.00 45.60 ? 80  HOH A O   1 
HETATM 528 O  O   . HOH E 5 .  ? -2.788  10.571  3.438   1.00 18.97 ? 81  HOH A O   1 
HETATM 529 O  O   . HOH E 5 .  ? -15.667 -8.318  3.576   1.00 46.68 ? 82  HOH A O   1 
HETATM 530 O  O   . HOH E 5 .  ? 1.843   -5.691  -10.536 1.00 30.29 ? 83  HOH A O   1 
HETATM 531 O  O   . HOH E 5 .  ? 4.407   -7.195  -6.268  1.00 35.10 ? 84  HOH A O   1 
HETATM 532 O  O   . HOH E 5 .  ? 8.852   -7.091  -3.371  1.00 36.67 ? 85  HOH A O   1 
HETATM 533 O  O   . HOH E 5 .  ? 5.407   -0.847  14.758  1.00 40.17 ? 86  HOH A O   1 
HETATM 534 O  O   . HOH E 5 .  ? 9.197   -2.133  7.693   1.00 47.87 ? 87  HOH A O   1 
HETATM 535 O  O   . HOH E 5 .  ? 0.078   -3.985  15.240  1.00 50.26 ? 88  HOH A O   1 
HETATM 536 O  O   . HOH E 5 .  ? 5.162   -7.682  -8.823  1.00 54.92 ? 89  HOH A O   1 
HETATM 537 O  O   . HOH E 5 .  ? 3.927   -8.919  6.922   1.00 16.36 ? 90  HOH A O   1 
HETATM 538 O  O   . HOH E 5 .  ? -5.485  -10.358 -6.131  1.00 27.11 ? 91  HOH A O   1 
HETATM 539 O  O   . HOH E 5 .  ? -7.752  -14.390 7.486   1.00 39.92 ? 92  HOH A O   1 
HETATM 540 O  O   . HOH E 5 .  ? 12.884  3.643   0.071   1.00 35.21 ? 93  HOH A O   1 
HETATM 541 O  O   . HOH E 5 .  ? 4.739   -8.211  -4.318  1.00 22.68 ? 94  HOH A O   1 
HETATM 542 O  O   . HOH E 5 .  ? -8.274  2.328   9.471   1.00 28.56 ? 95  HOH A O   1 
HETATM 543 O  O   . HOH E 5 .  ? -6.594  2.901   -8.273  1.00 36.85 ? 96  HOH A O   1 
HETATM 544 O  O   . HOH E 5 .  ? 1.623   -7.226  -8.380  1.00 47.94 ? 97  HOH A O   1 
HETATM 545 O  O   . HOH E 5 .  ? 9.229   -3.449  -2.555  1.00 39.49 ? 98  HOH A O   1 
HETATM 546 O  O   . HOH E 5 .  ? -9.575  -9.258  2.580   1.00 29.62 ? 99  HOH A O   1 
HETATM 547 O  O   . HOH E 5 .  ? -6.286  7.944   5.115   1.00 24.03 ? 100 HOH A O   1 
HETATM 548 O  O   . HOH E 5 .  ? -9.272  6.180   -3.148  1.00 25.29 ? 101 HOH A O   1 
HETATM 549 O  O   . HOH E 5 .  ? 4.559   10.963  -7.566  1.00 20.87 ? 102 HOH A O   1 
HETATM 550 O  O   . HOH E 5 .  ? 5.232   0.188   -12.613 0.50 12.80 ? 103 HOH A O   1 
HETATM 551 O  O   . HOH E 5 .  ? -1.198  -0.099  -13.964 0.50 17.53 ? 104 HOH A O   1 
HETATM 552 O  O   . HOH E 5 .  ? -7.457  -1.639  10.800  1.00 28.31 ? 105 HOH A O   1 
HETATM 553 O  O   . HOH E 5 .  ? 7.356   -2.923  4.017   1.00 29.48 ? 106 HOH A O   1 
HETATM 554 O  O   . HOH E 5 .  ? -7.062  -1.033  -7.286  1.00 21.68 ? 107 HOH A O   1 
HETATM 555 O  O   . HOH E 5 .  ? -11.709 -0.943  5.824   1.00 24.61 ? 108 HOH A O   1 
HETATM 556 O  O   . HOH E 5 .  ? 13.035  5.894   -4.695  1.00 29.09 ? 109 HOH A O   1 
HETATM 557 O  O   . HOH E 5 .  ? -8.989  5.281   3.480   1.00 31.37 ? 110 HOH A O   1 
HETATM 558 O  O   . HOH E 5 .  ? -6.852  -8.054  -7.100  1.00 22.15 ? 111 HOH A O   1 
HETATM 559 O  O   . HOH E 5 .  ? -0.851  -4.708  12.407  1.00 27.70 ? 112 HOH A O   1 
HETATM 560 O  O   . HOH E 5 .  ? -9.809  -2.927  9.868   1.00 24.44 ? 113 HOH A O   1 
HETATM 561 O  O   . HOH E 5 .  ? -5.125  -0.393  -13.408 1.00 34.63 ? 114 HOH A O   1 
HETATM 562 O  O   . HOH E 5 .  ? -4.399  10.570  -4.167  1.00 25.63 ? 115 HOH A O   1 
HETATM 563 O  O   . HOH E 5 .  ? 6.551   6.516   -8.424  1.00 31.76 ? 116 HOH A O   1 
HETATM 564 O  O   . HOH E 5 .  ? 12.678  2.944   -8.633  1.00 50.62 ? 117 HOH A O   1 
HETATM 565 O  O   . HOH E 5 .  ? -1.689  4.917   8.621   1.00 24.97 ? 118 HOH A O   1 
HETATM 566 O  O   . HOH E 5 .  ? -7.377  11.458  -0.515  1.00 48.87 ? 119 HOH A O   1 
HETATM 567 O  O   . HOH E 5 .  ? -8.618  8.945   -2.701  1.00 36.04 ? 120 HOH A O   1 
HETATM 568 O  O   . HOH E 5 .  ? 2.748   2.661   10.224  1.00 28.80 ? 121 HOH A O   1 
HETATM 569 O  O   . HOH E 5 .  ? -9.617  -2.218  -6.241  1.00 30.99 ? 122 HOH A O   1 
HETATM 570 O  O   . HOH E 5 .  ? -7.897  -1.504  -13.005 1.00 49.17 ? 123 HOH A O   1 
HETATM 571 O  O   . HOH E 5 .  ? 5.614   8.953   -11.312 1.00 53.49 ? 124 HOH A O   1 
HETATM 572 O  O   . HOH E 5 .  ? 11.215  7.175   3.822   1.00 39.80 ? 125 HOH A O   1 
HETATM 573 O  O   . HOH E 5 .  ? -2.106  -4.679  -14.946 1.00 40.57 ? 126 HOH A O   1 
HETATM 574 O  O   . HOH E 5 .  ? -10.450 -7.328  -0.050  1.00 31.42 ? 127 HOH A O   1 
HETATM 575 O  O   . HOH E 5 .  ? 12.337  6.246   -12.593 1.00 38.04 ? 128 HOH A O   1 
HETATM 576 O  O   . HOH E 5 .  ? -7.275  4.551   11.774  1.00 30.03 ? 129 HOH A O   1 
HETATM 577 O  O   . HOH E 5 .  ? 2.915   7.040   10.486  1.00 48.19 ? 130 HOH A O   1 
HETATM 578 O  O   . HOH E 5 .  ? -13.149 -3.749  6.999   1.00 45.56 ? 131 HOH A O   1 
HETATM 579 O  O   . HOH E 5 .  ? 7.372   -7.244  10.681  1.00 33.46 ? 132 HOH A O   1 
HETATM 580 O  O   . HOH E 5 .  ? 7.517   -7.591  13.684  1.00 44.90 ? 133 HOH A O   1 
HETATM 581 O  O   . HOH E 5 .  ? -8.087  -14.647 -0.931  1.00 43.50 ? 134 HOH A O   1 
HETATM 582 O  O   . HOH E 5 .  ? 9.747   -2.316  3.149   1.00 40.40 ? 135 HOH A O   1 
HETATM 583 O  O   . HOH E 5 .  ? 1.613   13.191  -9.697  1.00 35.46 ? 136 HOH A O   1 
HETATM 584 O  O   . HOH E 5 .  ? -1.065  10.570  -11.410 1.00 38.29 ? 137 HOH A O   1 
HETATM 585 O  O   . HOH E 5 .  ? 11.322  -3.139  -4.373  1.00 54.28 ? 138 HOH A O   1 
HETATM 586 O  O   . HOH E 5 .  ? -1.217  3.051   10.668  1.00 36.84 ? 139 HOH A O   1 
HETATM 587 O  O   . HOH E 5 .  ? -6.187  10.737  -6.896  1.00 47.08 ? 140 HOH A O   1 
HETATM 588 O  O   . HOH E 5 .  ? -8.117  -11.532 9.325   1.00 31.61 ? 141 HOH A O   1 
HETATM 589 O  O   . HOH E 5 .  ? -6.004  4.674   -10.671 1.00 45.49 ? 142 HOH A O   1 
HETATM 590 O  O   . HOH E 5 .  ? 4.995   1.078   12.797  1.00 48.68 ? 143 HOH A O   1 
HETATM 591 O  O   . HOH E 5 .  ? -9.283  -5.224  -1.360  1.00 27.76 ? 144 HOH A O   1 
HETATM 592 O  O   . HOH E 5 .  ? 7.297   8.983   -8.823  1.00 49.49 ? 145 HOH A O   1 
HETATM 593 O  O   . HOH E 5 .  ? -4.447  9.947   -8.851  1.00 48.30 ? 146 HOH A O   1 
HETATM 594 O  O   . HOH E 5 .  ? -10.454 6.211   -5.753  1.00 62.59 ? 147 HOH A O   1 
HETATM 595 O  O   . HOH E 5 .  ? -11.640 -1.558  -4.174  1.00 58.13 ? 148 HOH A O   1 
HETATM 596 O  O   . HOH E 5 .  ? -11.508 5.473   -1.543  1.00 48.84 ? 149 HOH A O   1 
HETATM 597 O  O   . HOH E 5 .  ? 14.028  5.148   -9.612  1.00 57.90 ? 150 HOH A O   1 
HETATM 598 O  O   . HOH E 5 .  ? -3.623  13.952  -3.924  1.00 57.20 ? 151 HOH A O   1 
HETATM 599 O  O   . HOH E 5 .  ? -11.827 -5.894  2.487   1.00 39.13 ? 152 HOH A O   1 
HETATM 600 O  O   . HOH E 5 .  ? 0.203   -6.926  14.530  1.00 46.53 ? 153 HOH A O   1 
HETATM 601 O  O   . HOH E 5 .  ? -0.710  -7.143  -10.992 1.00 35.79 ? 154 HOH A O   1 
HETATM 602 O  O   . HOH E 5 .  ? -12.805 1.565   -6.612  1.00 55.98 ? 155 HOH A O   1 
HETATM 603 O  O   . HOH E 5 .  ? -10.445 -3.562  3.185   1.00 33.97 ? 156 HOH A O   1 
HETATM 604 O  O   . HOH E 5 .  ? -11.249 0.300   -8.612  1.00 54.52 ? 157 HOH A O   1 
HETATM 605 O  O   . HOH E 5 .  ? -0.162  -0.007  16.502  1.00 59.17 ? 158 HOH A O   1 
HETATM 606 O  O   . HOH E 5 .  ? 10.561  1.269   7.257   1.00 46.96 ? 159 HOH A O   1 
HETATM 607 O  O   . HOH E 5 .  ? -12.764 -9.146  12.718  1.00 50.73 ? 160 HOH A O   1 
HETATM 608 O  O   . HOH E 5 .  ? 14.792  2.210   -6.303  1.00 64.02 ? 161 HOH A O   1 
HETATM 609 O  O   . HOH E 5 .  ? 0.209   3.033   12.803  1.00 41.58 ? 162 HOH A O   1 
# 
